data_4I6M
#
_entry.id   4I6M
#
_cell.length_a   227.374
_cell.length_b   104.138
_cell.length_c   81.319
_cell.angle_alpha   90.00
_cell.angle_beta   93.78
_cell.angle_gamma   90.00
#
_symmetry.space_group_name_H-M   'C 1 2 1'
#
loop_
_entity.id
_entity.type
_entity.pdbx_description
1 polymer 'Actin-related protein 7'
2 polymer 'Actin-like protein ARP9'
3 polymer 'Actin-like protein ARP9'
4 polymer 'Regulator of Ty1 transposition protein 102'
5 non-polymer 'PHOSPHATE ION'
6 water water
#
loop_
_entity_poly.entity_id
_entity_poly.type
_entity_poly.pdbx_seq_one_letter_code
_entity_poly.pdbx_strand_id
1 'polypeptide(L)'
;(MSE)TLNRKCVVIHNGSHRTVAGFSNVELPQCIIPSSYIKRTDEGGEAEFIFGTYN(MSE)IDAAAEKRNGDEVYTLVD
SQGLPYNWDALE(MSE)QWRYLYDTQLKVSPEELPLVIT(MSE)PATNGKPD(MSE)AILERYYELAFDKLNVPVFQIVI
EPLAIALS(MSE)GKSSAFVIDIGASGCNVTPIIDGIVVKNAVVRSKFGGDFLDFQVHERLAPLIKEEND(MSE)EN
(MSE)ADEQKRSTDVWYEASTWIQQFKST(MSE)LQVSEKDLFELERYYKEQADIYAKQQEQLKQ(MSE)DQQLQYTALT
GSPNNPLVQKKNFLFKPLNKTLTLDLKECYQFAEYLFKPQLISDKFSPEDGLGPL(MSE)AKSVKKAGASINS(MSE)KA
NTSTNPNGLGTSHINTNVGDNNSTASSSNISPEQVYSLLLTNVIITGSTSLIEG(MSE)EQRIIKELSIRFPQYKLTTFA
NQV(MSE)(MSE)DRKIQGWLGALT(MSE)ANLPSWSLGKWYSKEDYETLKRDRKQSQATNATN
;
A
2 'polypeptide(L)'
;(MSE)APFRQDSILIIYPRSQTTLVQFGLNEETFTVPELEIPTQIYRTTRQDGSYTYHSTNKDNKAELIKPIQNGEIIDI
SAFTQFLRLIFVSILSDRANKNQDAFEAELSNIPLLLITHHSWSQSDLEIITQYVFESLEINNLIQLPASLAATYS
(MSE)ISLQNCCIIDVGTHHTDIIPIVDYAQLDHLVSSIP(MSE)GGQSINDSLKKLLPQWDDDQIESLKKSPIFEVLSD
DAKKLSSFDFGNENEDEDEGTLKNSDLEFNTFWDEKGNEIKVGKQRFQGCNNLIKNISNRVGLTLDNIDDINKAKAVWEN
IIIVGGTTSISGFKEALLGQLLKDHLIIEPEEEKSKREEEAKSVLPAATKKKSKF(MSE)TNSTAFVPTIEYVQCPTVIK
LAKYPDYFPEWKKSGYSEIIFLGAQIVSKQIFTHPKDTFYITREKYN(MSE)KGPAALWDVQF
;
B
3 'polypeptide(L)'
;(MSE)GHHHHHHHHHHGNVQDALLTNQLYKNHELLKLERKKTEAVARLKS(MSE)NKSAINQYNRRQDKKNKRLKFGHRL
IATHTNLERDEQKRAEKKAKERLQALKANDEEAY
;
C
4 'polypeptide(L)'
;(MSE)DPQTLITKANKVSYYGNPTSKESWRYDWYQPSKVSSNVQQPQQQLGD(MSE)ENNLEKYPFRYKTWLRNQEDEKN
LQRESCEDILDLKEFDRRILKKSL(MSE)TSHTKGDTSKATGAPSANQGDEALSVDDIRGAVGNSEAIPGLSAGVNNDNT
KESKDVK(MSE)N
;
D
#
loop_
_chem_comp.id
_chem_comp.type
_chem_comp.name
_chem_comp.formula
PO4 non-polymer 'PHOSPHATE ION' 'O4 P -3'
#
# COMPACT_ATOMS: atom_id res chain seq x y z
N THR A 2 -0.16 20.28 -17.56
CA THR A 2 -1.17 19.22 -17.51
C THR A 2 -2.52 19.75 -17.04
N LEU A 3 -3.52 18.87 -17.07
CA LEU A 3 -4.89 19.25 -16.76
C LEU A 3 -5.13 19.39 -15.25
N ASN A 4 -6.03 20.30 -14.91
CA ASN A 4 -6.43 20.51 -13.53
C ASN A 4 -7.55 19.52 -13.16
N ARG A 5 -7.16 18.26 -12.96
CA ARG A 5 -8.13 17.24 -12.57
C ARG A 5 -7.45 16.10 -11.84
N LYS A 6 -8.26 15.29 -11.18
CA LYS A 6 -7.81 14.12 -10.45
C LYS A 6 -8.84 13.07 -10.71
N CYS A 7 -8.43 11.94 -11.25
CA CYS A 7 -9.40 10.90 -11.56
C CYS A 7 -9.33 9.75 -10.57
N VAL A 8 -10.47 9.09 -10.41
CA VAL A 8 -10.51 7.79 -9.79
C VAL A 8 -10.23 6.75 -10.87
N VAL A 9 -9.25 5.89 -10.64
CA VAL A 9 -8.91 4.84 -11.59
C VAL A 9 -9.26 3.48 -11.00
N ILE A 10 -10.19 2.78 -11.64
CA ILE A 10 -10.62 1.47 -11.16
C ILE A 10 -10.40 0.41 -12.21
N HIS A 11 -9.73 -0.68 -11.81
CA HIS A 11 -9.57 -1.84 -12.68
C HIS A 11 -10.20 -3.11 -12.09
N ASN A 12 -11.30 -3.60 -12.67
CA ASN A 12 -11.92 -4.86 -12.21
C ASN A 12 -11.42 -6.04 -13.02
N GLY A 13 -10.32 -6.64 -12.60
CA GLY A 13 -9.87 -7.88 -13.20
C GLY A 13 -10.78 -9.02 -12.78
N SER A 14 -10.61 -10.19 -13.39
CA SER A 14 -11.43 -11.33 -13.02
C SER A 14 -11.02 -11.87 -11.66
N HIS A 15 -9.82 -11.54 -11.20
CA HIS A 15 -9.33 -12.07 -9.93
C HIS A 15 -9.10 -11.00 -8.86
N ARG A 16 -8.42 -9.93 -9.24
CA ARG A 16 -8.12 -8.80 -8.37
CA ARG A 16 -8.17 -8.82 -8.33
C ARG A 16 -8.83 -7.56 -8.88
N THR A 17 -9.14 -6.64 -7.98
CA THR A 17 -9.66 -5.32 -8.34
C THR A 17 -8.70 -4.24 -7.82
N VAL A 18 -8.28 -3.34 -8.70
CA VAL A 18 -7.32 -2.32 -8.30
C VAL A 18 -7.95 -0.94 -8.39
N ALA A 19 -7.80 -0.15 -7.33
CA ALA A 19 -8.39 1.19 -7.26
C ALA A 19 -7.46 2.21 -6.60
N GLY A 20 -7.50 3.45 -7.09
CA GLY A 20 -6.72 4.54 -6.54
C GLY A 20 -6.89 5.81 -7.35
N PHE A 21 -6.22 6.88 -6.94
CA PHE A 21 -6.33 8.15 -7.63
C PHE A 21 -5.23 8.31 -8.66
N SER A 22 -5.51 9.10 -9.70
CA SER A 22 -4.55 9.31 -10.78
C SER A 22 -3.32 10.11 -10.39
N ASN A 23 -3.29 10.68 -9.18
CA ASN A 23 -2.21 11.61 -8.78
C ASN A 23 -1.04 11.00 -8.03
N VAL A 24 -1.04 9.67 -7.92
CA VAL A 24 0.02 8.99 -7.22
C VAL A 24 0.45 7.73 -7.95
N GLU A 25 1.62 7.22 -7.63
CA GLU A 25 2.22 6.17 -8.46
C GLU A 25 1.68 4.76 -8.20
N LEU A 26 1.08 4.50 -7.03
CA LEU A 26 0.51 3.18 -6.77
C LEU A 26 -0.93 3.22 -6.29
N PRO A 27 -1.63 2.10 -6.42
CA PRO A 27 -3.06 2.12 -6.10
C PRO A 27 -3.25 2.15 -4.60
N GLN A 28 -4.36 2.71 -4.16
CA GLN A 28 -4.70 2.76 -2.76
C GLN A 28 -5.08 1.38 -2.26
N CYS A 29 -5.66 0.58 -3.13
CA CYS A 29 -6.07 -0.74 -2.71
C CYS A 29 -6.10 -1.74 -3.84
N ILE A 30 -5.71 -2.96 -3.51
CA ILE A 30 -5.90 -4.12 -4.35
C ILE A 30 -6.72 -5.10 -3.56
N ILE A 31 -7.94 -5.36 -3.99
CA ILE A 31 -8.84 -6.22 -3.23
C ILE A 31 -9.36 -7.30 -4.17
N PRO A 32 -9.95 -8.36 -3.61
CA PRO A 32 -10.45 -9.46 -4.46
C PRO A 32 -11.67 -9.06 -5.32
N SER A 33 -11.75 -9.56 -6.54
CA SER A 33 -12.93 -9.31 -7.37
C SER A 33 -14.03 -10.28 -6.99
N SER A 34 -14.00 -10.73 -5.75
CA SER A 34 -15.04 -11.58 -5.25
C SER A 34 -15.47 -11.05 -3.89
N TYR A 35 -16.48 -11.68 -3.30
CA TYR A 35 -16.96 -11.26 -2.00
C TYR A 35 -17.53 -12.46 -1.28
N ILE A 36 -17.61 -12.39 0.05
CA ILE A 36 -18.38 -13.36 0.80
C ILE A 36 -19.78 -12.80 0.96
N LYS A 37 -20.77 -13.65 0.75
CA LYS A 37 -22.14 -13.35 1.13
C LYS A 37 -22.39 -14.12 2.40
N ARG A 38 -22.45 -13.42 3.52
CA ARG A 38 -22.68 -14.04 4.82
C ARG A 38 -24.13 -13.82 5.25
N THR A 39 -24.76 -14.86 5.77
CA THR A 39 -26.14 -14.72 6.20
C THR A 39 -26.29 -14.94 7.71
N GLU A 44 -31.39 -12.34 6.86
CA GLU A 44 -30.67 -11.09 6.66
C GLU A 44 -29.31 -11.28 5.97
N ALA A 45 -29.24 -10.88 4.70
CA ALA A 45 -28.02 -11.03 3.90
C ALA A 45 -26.98 -9.94 4.19
N GLU A 46 -25.81 -10.03 3.58
CA GLU A 46 -24.69 -9.17 3.95
C GLU A 46 -23.41 -9.49 3.13
N PHE A 47 -22.66 -8.46 2.76
CA PHE A 47 -21.63 -8.62 1.73
C PHE A 47 -20.23 -8.17 2.12
N ILE A 48 -19.30 -9.11 2.22
CA ILE A 48 -17.94 -8.78 2.68
C ILE A 48 -16.98 -8.61 1.52
N PHE A 49 -16.27 -7.48 1.50
CA PHE A 49 -15.27 -7.17 0.47
C PHE A 49 -13.95 -6.88 1.15
N GLY A 50 -12.87 -7.00 0.40
CA GLY A 50 -11.55 -6.71 0.92
C GLY A 50 -10.73 -7.93 1.29
N THR A 51 -9.43 -7.86 1.01
CA THR A 51 -8.53 -8.99 1.23
C THR A 51 -8.48 -9.50 2.66
N TYR A 52 -8.19 -8.64 3.64
CA TYR A 52 -8.16 -9.10 5.04
C TYR A 52 -9.54 -9.38 5.63
N ASN A 53 -10.57 -8.65 5.22
CA ASN A 53 -11.92 -8.91 5.72
C ASN A 53 -12.40 -10.28 5.35
N MSE A 54 -12.03 -10.71 4.15
CA MSE A 54 -12.51 -11.98 3.63
C MSE A 54 -11.70 -13.13 4.18
O MSE A 54 -12.25 -14.16 4.53
CB MSE A 54 -12.48 -11.99 2.11
CG MSE A 54 -13.57 -11.16 1.48
SE MSE A 54 -13.46 -11.18 -0.44
CE MSE A 54 -13.81 -13.07 -0.76
N ILE A 55 -10.38 -12.93 4.27
CA ILE A 55 -9.49 -13.95 4.79
C ILE A 55 -9.75 -14.20 6.27
N ASP A 56 -10.03 -13.14 7.02
CA ASP A 56 -10.54 -13.29 8.37
C ASP A 56 -11.87 -14.09 8.40
N ALA A 57 -12.88 -13.62 7.67
CA ALA A 57 -14.17 -14.32 7.64
C ALA A 57 -14.07 -15.75 7.13
N ALA A 58 -13.17 -15.97 6.18
CA ALA A 58 -12.99 -17.29 5.59
C ALA A 58 -12.42 -18.27 6.61
N ALA A 59 -11.46 -17.79 7.40
CA ALA A 59 -10.83 -18.60 8.43
C ALA A 59 -11.81 -18.92 9.57
N GLU A 60 -12.87 -18.13 9.69
CA GLU A 60 -13.89 -18.39 10.71
C GLU A 60 -14.64 -19.69 10.39
N LYS A 61 -14.61 -20.09 9.11
CA LYS A 61 -15.25 -21.34 8.67
C LYS A 61 -16.71 -21.46 9.12
N ARG A 62 -17.50 -20.43 8.80
CA ARG A 62 -18.90 -20.36 9.23
C ARG A 62 -19.86 -20.77 8.13
N ASN A 63 -20.82 -21.64 8.46
CA ASN A 63 -21.80 -22.08 7.47
C ASN A 63 -22.56 -20.90 6.89
N GLY A 64 -23.09 -21.06 5.68
CA GLY A 64 -23.84 -20.00 5.04
C GLY A 64 -22.97 -18.94 4.40
N ASP A 65 -21.72 -18.84 4.84
CA ASP A 65 -20.73 -17.98 4.18
C ASP A 65 -20.38 -18.56 2.82
N GLU A 66 -20.49 -17.75 1.77
CA GLU A 66 -20.13 -18.22 0.44
C GLU A 66 -19.48 -17.15 -0.41
N VAL A 67 -18.42 -17.52 -1.12
CA VAL A 67 -17.71 -16.59 -1.99
C VAL A 67 -18.32 -16.59 -3.39
N TYR A 68 -18.66 -15.41 -3.91
CA TYR A 68 -19.16 -15.30 -5.29
C TYR A 68 -18.24 -14.34 -6.04
N THR A 69 -18.25 -14.41 -7.37
CA THR A 69 -17.38 -13.59 -8.20
C THR A 69 -18.14 -12.49 -8.93
N LEU A 70 -17.39 -11.51 -9.42
CA LEU A 70 -17.96 -10.31 -10.07
C LEU A 70 -17.64 -10.30 -11.55
N VAL A 71 -16.50 -10.87 -11.90
CA VAL A 71 -16.01 -10.85 -13.27
C VAL A 71 -15.95 -12.26 -13.88
N ASP A 72 -16.65 -12.47 -14.99
CA ASP A 72 -16.61 -13.74 -15.69
C ASP A 72 -15.26 -13.94 -16.41
N SER A 73 -15.14 -15.02 -17.17
CA SER A 73 -13.85 -15.41 -17.73
C SER A 73 -13.52 -14.56 -18.94
N GLN A 74 -14.51 -13.78 -19.38
CA GLN A 74 -14.36 -12.84 -20.47
C GLN A 74 -13.60 -11.61 -19.99
N GLY A 75 -13.48 -11.49 -18.67
CA GLY A 75 -12.89 -10.32 -18.06
C GLY A 75 -13.95 -9.24 -17.90
N LEU A 76 -15.21 -9.63 -18.02
CA LEU A 76 -16.32 -8.68 -17.99
C LEU A 76 -17.24 -8.88 -16.79
N PRO A 77 -17.72 -7.78 -16.19
CA PRO A 77 -18.58 -7.90 -15.02
C PRO A 77 -19.88 -8.59 -15.40
N TYR A 78 -20.37 -9.47 -14.55
CA TYR A 78 -21.59 -10.21 -14.87
C TYR A 78 -22.63 -10.17 -13.74
N ASN A 79 -22.24 -9.59 -12.61
CA ASN A 79 -23.15 -9.43 -11.48
C ASN A 79 -23.16 -7.97 -11.06
N TRP A 80 -24.05 -7.19 -11.67
CA TRP A 80 -23.98 -5.73 -11.57
C TRP A 80 -24.53 -5.17 -10.26
N ASP A 81 -25.37 -5.94 -9.57
CA ASP A 81 -25.84 -5.47 -8.28
C ASP A 81 -24.69 -5.56 -7.28
N ALA A 82 -23.93 -6.64 -7.39
CA ALA A 82 -22.76 -6.83 -6.54
C ALA A 82 -21.66 -5.84 -6.90
N LEU A 83 -21.51 -5.55 -8.19
CA LEU A 83 -20.46 -4.62 -8.61
C LEU A 83 -20.67 -3.25 -8.00
N GLU A 84 -21.93 -2.85 -7.89
CA GLU A 84 -22.22 -1.55 -7.29
C GLU A 84 -21.79 -1.55 -5.83
N MSE A 85 -22.15 -2.60 -5.11
CA MSE A 85 -21.74 -2.71 -3.72
C MSE A 85 -20.23 -2.62 -3.58
O MSE A 85 -19.72 -1.97 -2.66
CB MSE A 85 -22.28 -4.00 -3.09
CG MSE A 85 -23.74 -3.93 -2.67
SE MSE A 85 -24.24 -5.54 -1.68
CE MSE A 85 -23.73 -6.89 -2.99
N GLN A 86 -19.50 -3.25 -4.50
CA GLN A 86 -18.04 -3.18 -4.47
C GLN A 86 -17.56 -1.74 -4.70
N TRP A 87 -18.13 -1.07 -5.69
CA TRP A 87 -17.75 0.29 -6.01
C TRP A 87 -18.04 1.20 -4.82
N ARG A 88 -19.21 1.02 -4.22
CA ARG A 88 -19.56 1.75 -3.02
C ARG A 88 -18.50 1.53 -1.97
N TYR A 89 -18.16 0.27 -1.74
CA TYR A 89 -17.12 -0.08 -0.79
C TYR A 89 -15.80 0.64 -1.07
N LEU A 90 -15.39 0.66 -2.34
CA LEU A 90 -14.15 1.32 -2.73
C LEU A 90 -14.18 2.81 -2.45
N TYR A 91 -15.27 3.46 -2.86
CA TYR A 91 -15.39 4.91 -2.75
C TYR A 91 -15.56 5.33 -1.29
N ASP A 92 -16.27 4.52 -0.51
CA ASP A 92 -16.55 4.83 0.90
C ASP A 92 -15.36 4.59 1.81
N THR A 93 -14.73 3.43 1.68
CA THR A 93 -13.73 3.00 2.66
C THR A 93 -12.29 3.07 2.19
N GLN A 94 -12.06 3.24 0.89
CA GLN A 94 -10.66 3.23 0.41
C GLN A 94 -10.23 4.59 -0.17
N LEU A 95 -10.96 5.11 -1.14
CA LEU A 95 -10.65 6.42 -1.70
C LEU A 95 -11.26 7.52 -0.82
N LYS A 96 -12.37 7.17 -0.17
CA LYS A 96 -13.08 8.06 0.76
C LYS A 96 -13.48 9.39 0.10
N VAL A 97 -14.30 9.28 -0.92
CA VAL A 97 -14.71 10.45 -1.69
C VAL A 97 -16.04 10.15 -2.34
N SER A 98 -16.89 11.16 -2.47
CA SER A 98 -18.17 10.97 -3.12
C SER A 98 -17.92 10.59 -4.56
N PRO A 99 -18.64 9.59 -5.07
CA PRO A 99 -18.42 9.25 -6.47
C PRO A 99 -18.85 10.36 -7.41
N GLU A 100 -19.56 11.36 -6.89
CA GLU A 100 -20.11 12.41 -7.73
C GLU A 100 -19.09 13.49 -8.11
N GLU A 101 -17.95 13.53 -7.42
CA GLU A 101 -17.01 14.63 -7.58
C GLU A 101 -16.04 14.55 -8.77
N LEU A 102 -15.46 13.36 -8.99
CA LEU A 102 -14.28 13.25 -9.86
C LEU A 102 -14.50 12.41 -11.11
N PRO A 103 -13.74 12.71 -12.16
CA PRO A 103 -13.89 11.81 -13.31
C PRO A 103 -13.40 10.39 -13.00
N LEU A 104 -14.06 9.41 -13.61
CA LEU A 104 -13.75 7.99 -13.44
C LEU A 104 -13.06 7.37 -14.68
N VAL A 105 -12.03 6.58 -14.46
CA VAL A 105 -11.43 5.82 -15.55
C VAL A 105 -11.40 4.33 -15.19
N ILE A 106 -12.04 3.51 -16.02
CA ILE A 106 -12.14 2.06 -15.77
C ILE A 106 -11.72 1.27 -17.00
N THR A 107 -11.47 -0.03 -16.84
CA THR A 107 -10.97 -0.85 -17.96
C THR A 107 -11.96 -1.86 -18.52
N MSE A 108 -11.79 -2.18 -19.79
CA MSE A 108 -12.43 -3.35 -20.39
C MSE A 108 -11.34 -4.16 -21.04
O MSE A 108 -10.28 -3.63 -21.41
CB MSE A 108 -13.45 -2.96 -21.46
CG MSE A 108 -14.81 -2.59 -20.94
SE MSE A 108 -15.96 -2.03 -22.41
CE MSE A 108 -16.00 -3.66 -23.48
N PRO A 109 -11.58 -5.47 -21.19
CA PRO A 109 -10.67 -6.34 -21.95
C PRO A 109 -10.95 -6.24 -23.44
N ALA A 110 -9.95 -6.51 -24.26
CA ALA A 110 -10.16 -6.61 -25.71
C ALA A 110 -11.26 -7.63 -25.98
N THR A 111 -12.15 -7.29 -26.92
CA THR A 111 -13.20 -8.22 -27.35
C THR A 111 -13.19 -8.34 -28.87
N ASN A 112 -14.06 -9.21 -29.39
CA ASN A 112 -14.24 -9.30 -30.84
C ASN A 112 -15.24 -8.23 -31.30
N GLY A 113 -15.90 -7.59 -30.34
CA GLY A 113 -16.76 -6.47 -30.65
C GLY A 113 -18.21 -6.62 -30.22
N LYS A 114 -18.65 -7.86 -30.04
CA LYS A 114 -20.07 -8.12 -29.80
C LYS A 114 -20.60 -7.65 -28.45
N PRO A 115 -19.96 -8.08 -27.34
CA PRO A 115 -20.58 -7.79 -26.04
C PRO A 115 -20.45 -6.32 -25.68
N ASP A 116 -19.77 -5.56 -26.53
CA ASP A 116 -19.41 -4.18 -26.22
C ASP A 116 -20.56 -3.24 -25.88
N MSE A 117 -21.56 -3.12 -26.76
CA MSE A 117 -22.66 -2.20 -26.52
C MSE A 117 -23.47 -2.49 -25.25
O MSE A 117 -23.82 -1.58 -24.52
CB MSE A 117 -23.59 -2.12 -27.72
CG MSE A 117 -23.09 -1.13 -28.76
SE MSE A 117 -22.78 0.63 -27.99
CE MSE A 117 -21.27 1.16 -29.12
N ALA A 118 -23.78 -3.77 -25.01
CA ALA A 118 -24.51 -4.17 -23.81
C ALA A 118 -23.75 -3.80 -22.52
N ILE A 119 -22.44 -3.98 -22.55
CA ILE A 119 -21.60 -3.63 -21.40
C ILE A 119 -21.66 -2.13 -21.20
N LEU A 120 -21.35 -1.37 -22.25
CA LEU A 120 -21.37 0.08 -22.16
C LEU A 120 -22.68 0.55 -21.52
N GLU A 121 -23.79 -0.09 -21.86
CA GLU A 121 -25.05 0.33 -21.26
C GLU A 121 -25.11 0.07 -19.76
N ARG A 122 -24.63 -1.09 -19.34
CA ARG A 122 -24.70 -1.45 -17.92
C ARG A 122 -23.82 -0.52 -17.10
N TYR A 123 -22.71 -0.10 -17.70
CA TYR A 123 -21.86 0.91 -17.13
C TYR A 123 -22.55 2.29 -17.01
N TYR A 124 -23.26 2.74 -18.04
CA TYR A 124 -24.05 3.97 -17.94
C TYR A 124 -24.95 3.88 -16.73
N GLU A 125 -25.67 2.77 -16.61
CA GLU A 125 -26.65 2.62 -15.55
C GLU A 125 -25.96 2.68 -14.20
N LEU A 126 -24.79 2.05 -14.09
CA LEU A 126 -24.06 2.04 -12.83
C LEU A 126 -23.40 3.38 -12.53
N ALA A 127 -22.66 3.90 -13.51
CA ALA A 127 -21.99 5.19 -13.35
C ALA A 127 -22.96 6.36 -13.14
N PHE A 128 -24.07 6.36 -13.89
CA PHE A 128 -25.03 7.48 -13.88
C PHE A 128 -26.28 7.26 -13.01
N ASP A 129 -27.16 6.35 -13.42
CA ASP A 129 -28.40 6.09 -12.65
C ASP A 129 -28.17 5.85 -11.16
N LYS A 130 -27.06 5.21 -10.82
CA LYS A 130 -26.89 4.69 -9.47
C LYS A 130 -25.86 5.48 -8.65
N LEU A 131 -24.68 5.71 -9.24
CA LEU A 131 -23.59 6.36 -8.52
C LEU A 131 -23.54 7.89 -8.68
N ASN A 132 -24.02 8.38 -9.82
CA ASN A 132 -24.00 9.80 -10.15
C ASN A 132 -22.61 10.34 -10.46
N VAL A 133 -21.76 9.48 -11.01
CA VAL A 133 -20.47 9.87 -11.51
C VAL A 133 -20.66 10.96 -12.55
N PRO A 134 -19.76 11.96 -12.53
CA PRO A 134 -19.82 13.11 -13.44
C PRO A 134 -19.55 12.71 -14.89
N VAL A 135 -18.58 11.85 -15.09
CA VAL A 135 -18.14 11.48 -16.43
C VAL A 135 -17.12 10.35 -16.31
N PHE A 136 -17.09 9.43 -17.26
CA PHE A 136 -16.10 8.36 -17.22
C PHE A 136 -15.51 7.99 -18.58
N GLN A 137 -14.29 7.47 -18.54
CA GLN A 137 -13.64 6.94 -19.71
C GLN A 137 -13.52 5.42 -19.54
N ILE A 138 -13.61 4.68 -20.63
CA ILE A 138 -13.29 3.26 -20.59
C ILE A 138 -12.07 2.99 -21.46
N VAL A 139 -10.98 2.52 -20.85
CA VAL A 139 -9.82 2.15 -21.63
C VAL A 139 -9.80 0.63 -21.82
N ILE A 140 -9.22 0.20 -22.92
CA ILE A 140 -9.09 -1.20 -23.24
C ILE A 140 -7.76 -1.73 -22.70
N GLU A 141 -7.81 -2.75 -21.87
CA GLU A 141 -6.63 -3.08 -21.07
C GLU A 141 -5.35 -3.27 -21.88
N PRO A 142 -5.37 -4.18 -22.86
CA PRO A 142 -4.17 -4.43 -23.66
C PRO A 142 -3.65 -3.17 -24.33
N LEU A 143 -4.57 -2.25 -24.64
CA LEU A 143 -4.23 -1.03 -25.35
C LEU A 143 -3.52 -0.03 -24.44
N ALA A 144 -4.06 0.12 -23.23
CA ALA A 144 -3.53 1.04 -22.24
C ALA A 144 -2.16 0.57 -21.76
N ILE A 145 -2.08 -0.69 -21.36
CA ILE A 145 -0.82 -1.32 -21.00
C ILE A 145 0.27 -1.08 -22.04
N ALA A 146 -0.10 -1.24 -23.31
CA ALA A 146 0.83 -1.01 -24.42
C ALA A 146 1.23 0.47 -24.52
N LEU A 147 0.25 1.36 -24.50
CA LEU A 147 0.53 2.79 -24.45
C LEU A 147 1.40 3.18 -23.26
N SER A 148 1.03 2.74 -22.06
CA SER A 148 1.80 3.01 -20.86
C SER A 148 3.28 2.61 -21.04
N MSE A 149 3.54 1.85 -22.10
CA MSE A 149 4.86 1.30 -22.36
C MSE A 149 5.52 1.95 -23.59
O MSE A 149 6.51 1.44 -24.13
CB MSE A 149 4.71 -0.20 -22.58
CG MSE A 149 5.85 -1.04 -22.05
SE MSE A 149 5.22 -2.77 -21.39
CE MSE A 149 6.98 -3.55 -21.01
N GLY A 150 4.95 3.05 -24.05
CA GLY A 150 5.48 3.78 -25.18
C GLY A 150 5.27 3.10 -26.52
N LYS A 151 4.29 2.21 -26.59
CA LYS A 151 4.05 1.48 -27.84
C LYS A 151 2.65 1.68 -28.43
N SER A 152 2.60 1.97 -29.72
CA SER A 152 1.35 2.22 -30.42
C SER A 152 0.91 0.95 -31.11
N SER A 153 1.88 0.12 -31.46
CA SER A 153 1.62 -1.15 -32.10
C SER A 153 2.33 -2.22 -31.30
N ALA A 154 1.61 -3.25 -30.91
CA ALA A 154 2.23 -4.30 -30.11
C ALA A 154 1.40 -5.55 -30.07
N PHE A 155 2.08 -6.70 -29.95
CA PHE A 155 1.42 -7.98 -29.73
C PHE A 155 1.39 -8.21 -28.22
N VAL A 156 0.24 -7.97 -27.58
CA VAL A 156 0.18 -8.00 -26.12
C VAL A 156 -0.29 -9.34 -25.58
N ILE A 157 0.61 -10.03 -24.89
CA ILE A 157 0.38 -11.37 -24.36
C ILE A 157 0.20 -11.30 -22.85
N ASP A 158 -1.05 -11.39 -22.41
CA ASP A 158 -1.42 -11.16 -21.02
C ASP A 158 -1.76 -12.49 -20.38
N ILE A 159 -0.96 -12.93 -19.41
CA ILE A 159 -1.26 -14.19 -18.76
C ILE A 159 -1.80 -13.98 -17.36
N GLY A 160 -3.12 -13.93 -17.25
CA GLY A 160 -3.77 -13.65 -15.98
C GLY A 160 -4.40 -14.86 -15.34
N ALA A 161 -5.36 -14.62 -14.45
CA ALA A 161 -6.00 -15.69 -13.72
C ALA A 161 -6.96 -16.49 -14.60
N SER A 162 -7.69 -15.80 -15.46
CA SER A 162 -8.67 -16.45 -16.32
C SER A 162 -8.03 -17.26 -17.46
N GLY A 163 -6.82 -16.91 -17.86
CA GLY A 163 -6.15 -17.59 -18.96
C GLY A 163 -5.24 -16.63 -19.69
N CYS A 164 -4.77 -16.99 -20.88
CA CYS A 164 -3.96 -16.07 -21.67
C CYS A 164 -4.81 -15.27 -22.64
N ASN A 165 -4.54 -13.98 -22.71
CA ASN A 165 -5.26 -13.09 -23.61
C ASN A 165 -4.28 -12.49 -24.58
N VAL A 166 -4.44 -12.86 -25.86
CA VAL A 166 -3.51 -12.41 -26.87
C VAL A 166 -4.19 -11.41 -27.78
N THR A 167 -3.58 -10.23 -27.88
CA THR A 167 -4.19 -9.06 -28.49
C THR A 167 -3.19 -8.33 -29.39
N PRO A 168 -3.32 -8.45 -30.70
CA PRO A 168 -2.47 -7.60 -31.54
C PRO A 168 -3.05 -6.19 -31.59
N ILE A 169 -2.16 -5.21 -31.53
CA ILE A 169 -2.54 -3.81 -31.60
C ILE A 169 -1.64 -3.09 -32.59
N ILE A 170 -2.23 -2.62 -33.68
CA ILE A 170 -1.48 -1.97 -34.74
C ILE A 170 -1.80 -0.49 -34.87
N ASP A 171 -0.76 0.33 -34.76
CA ASP A 171 -0.90 1.78 -34.82
C ASP A 171 -2.07 2.31 -34.00
N GLY A 172 -2.11 1.91 -32.73
CA GLY A 172 -3.09 2.42 -31.76
C GLY A 172 -4.47 1.79 -31.87
N ILE A 173 -4.66 0.94 -32.87
CA ILE A 173 -5.96 0.33 -33.11
C ILE A 173 -5.94 -1.16 -32.72
N VAL A 174 -7.04 -1.65 -32.12
CA VAL A 174 -7.08 -3.06 -31.73
C VAL A 174 -7.74 -3.94 -32.79
N VAL A 175 -6.98 -4.93 -33.26
CA VAL A 175 -7.48 -5.90 -34.24
C VAL A 175 -8.41 -6.97 -33.63
N LYS A 176 -9.70 -6.66 -33.56
CA LYS A 176 -10.67 -7.49 -32.84
C LYS A 176 -10.79 -8.96 -33.29
N ASN A 177 -10.68 -9.22 -34.59
CA ASN A 177 -10.85 -10.58 -35.08
C ASN A 177 -9.65 -11.44 -34.79
N ALA A 178 -8.54 -10.79 -34.44
CA ALA A 178 -7.33 -11.50 -34.08
C ALA A 178 -7.16 -11.54 -32.55
N VAL A 179 -8.16 -11.03 -31.84
CA VAL A 179 -8.17 -11.14 -30.38
C VAL A 179 -8.41 -12.58 -30.00
N VAL A 180 -7.59 -13.09 -29.09
CA VAL A 180 -7.64 -14.50 -28.68
C VAL A 180 -7.48 -14.69 -27.17
N ARG A 181 -8.42 -15.40 -26.56
CA ARG A 181 -8.37 -15.68 -25.13
C ARG A 181 -8.30 -17.17 -24.80
N SER A 182 -7.10 -17.63 -24.44
CA SER A 182 -6.84 -18.96 -23.86
C SER A 182 -7.69 -19.22 -22.61
N LYS A 183 -7.91 -20.48 -22.26
CA LYS A 183 -8.70 -20.76 -21.08
C LYS A 183 -7.86 -21.19 -19.88
N PHE A 184 -6.54 -21.28 -20.06
CA PHE A 184 -5.68 -21.80 -19.01
C PHE A 184 -4.73 -20.78 -18.45
N GLY A 185 -4.90 -20.41 -17.19
CA GLY A 185 -3.97 -19.48 -16.59
C GLY A 185 -3.81 -19.70 -15.10
N GLY A 186 -3.69 -18.61 -14.35
CA GLY A 186 -3.50 -18.65 -12.92
C GLY A 186 -4.44 -19.54 -12.13
N ASP A 187 -5.74 -19.29 -12.24
CA ASP A 187 -6.76 -20.09 -11.56
C ASP A 187 -6.63 -21.58 -11.88
N PHE A 188 -6.39 -21.89 -13.16
CA PHE A 188 -6.10 -23.26 -13.59
C PHE A 188 -4.92 -23.85 -12.83
N LEU A 189 -3.85 -23.08 -12.71
CA LEU A 189 -2.67 -23.50 -11.94
C LEU A 189 -3.01 -23.79 -10.48
N ASP A 190 -3.93 -23.01 -9.89
CA ASP A 190 -4.36 -23.23 -8.50
C ASP A 190 -4.98 -24.62 -8.41
N PHE A 191 -5.87 -24.93 -9.34
CA PHE A 191 -6.52 -26.22 -9.37
C PHE A 191 -5.55 -27.39 -9.44
N GLN A 192 -4.46 -27.22 -10.18
CA GLN A 192 -3.55 -28.32 -10.44
C GLN A 192 -2.60 -28.49 -9.27
N VAL A 193 -2.19 -27.37 -8.69
CA VAL A 193 -1.33 -27.42 -7.54
C VAL A 193 -2.07 -28.15 -6.45
N HIS A 194 -3.33 -27.79 -6.26
CA HIS A 194 -4.18 -28.45 -5.27
C HIS A 194 -4.37 -29.94 -5.55
N GLU A 195 -4.78 -30.29 -6.77
CA GLU A 195 -5.11 -31.69 -7.06
C GLU A 195 -3.89 -32.57 -6.91
N ARG A 196 -2.74 -32.04 -7.27
CA ARG A 196 -1.51 -32.79 -7.26
C ARG A 196 -0.93 -32.97 -5.86
N LEU A 197 -0.99 -31.92 -5.05
CA LEU A 197 -0.46 -31.97 -3.70
C LEU A 197 -1.45 -32.60 -2.72
N ALA A 198 -2.66 -32.88 -3.19
CA ALA A 198 -3.76 -33.28 -2.34
C ALA A 198 -3.40 -34.40 -1.37
N PRO A 199 -2.84 -35.50 -1.87
CA PRO A 199 -2.53 -36.64 -0.99
C PRO A 199 -1.49 -36.38 0.09
N LEU A 200 -0.62 -35.40 -0.08
CA LEU A 200 0.38 -35.07 0.95
C LEU A 200 -0.18 -34.15 2.04
N ILE A 201 -1.28 -33.47 1.74
CA ILE A 201 -1.88 -32.54 2.69
C ILE A 201 -3.24 -33.06 3.19
N LYS A 202 -3.48 -34.36 2.98
CA LYS A 202 -4.69 -35.05 3.45
C LYS A 202 -5.94 -34.94 2.56
N GLU A 203 -6.14 -33.76 1.95
CA GLU A 203 -7.37 -33.42 1.21
C GLU A 203 -7.88 -34.34 0.09
N GLU A 204 -7.08 -35.33 -0.31
CA GLU A 204 -7.53 -36.29 -1.34
C GLU A 204 -6.36 -37.16 -1.84
N GLN A 214 -18.77 -22.49 -5.65
CA GLN A 214 -19.73 -23.59 -5.59
C GLN A 214 -20.58 -23.48 -4.32
N LYS A 215 -20.39 -24.43 -3.40
CA LYS A 215 -20.98 -24.40 -2.07
C LYS A 215 -19.84 -24.36 -1.07
N ARG A 216 -18.79 -25.12 -1.39
CA ARG A 216 -17.53 -25.14 -0.61
C ARG A 216 -16.56 -24.09 -1.13
N SER A 217 -17.14 -23.01 -1.65
CA SER A 217 -16.38 -21.92 -2.22
C SER A 217 -15.44 -21.31 -1.19
N THR A 218 -15.89 -21.15 0.06
CA THR A 218 -15.10 -20.46 1.08
C THR A 218 -13.73 -21.07 1.33
N ASP A 219 -13.65 -22.40 1.43
CA ASP A 219 -12.35 -23.02 1.66
C ASP A 219 -11.47 -23.04 0.40
N VAL A 220 -12.07 -23.43 -0.72
CA VAL A 220 -11.38 -23.30 -1.99
C VAL A 220 -10.71 -21.93 -2.11
N TRP A 221 -11.49 -20.88 -1.86
CA TRP A 221 -10.98 -19.51 -1.99
C TRP A 221 -9.86 -19.21 -1.00
N TYR A 222 -10.08 -19.54 0.26
CA TYR A 222 -9.12 -19.22 1.31
C TYR A 222 -7.79 -19.91 1.06
N GLU A 223 -7.86 -21.17 0.66
CA GLU A 223 -6.65 -21.91 0.32
C GLU A 223 -5.96 -21.33 -0.92
N ALA A 224 -6.72 -21.00 -1.95
CA ALA A 224 -6.16 -20.35 -3.11
C ALA A 224 -5.44 -19.06 -2.75
N SER A 225 -5.96 -18.35 -1.74
CA SER A 225 -5.46 -17.02 -1.40
C SER A 225 -4.35 -17.06 -0.38
N THR A 226 -4.10 -18.23 0.16
CA THR A 226 -3.06 -18.38 1.17
C THR A 226 -1.91 -19.30 0.73
N TRP A 227 -1.93 -20.59 1.08
CA TRP A 227 -0.77 -21.43 0.78
C TRP A 227 -0.57 -21.65 -0.72
N ILE A 228 -1.66 -21.86 -1.46
CA ILE A 228 -1.54 -22.08 -2.89
C ILE A 228 -0.87 -20.90 -3.60
N GLN A 229 -1.23 -19.68 -3.19
CA GLN A 229 -0.59 -18.51 -3.77
C GLN A 229 0.91 -18.47 -3.51
N GLN A 230 1.32 -18.86 -2.31
CA GLN A 230 2.73 -18.85 -1.96
C GLN A 230 3.49 -19.92 -2.73
N PHE A 231 2.88 -21.10 -2.84
CA PHE A 231 3.45 -22.23 -3.56
C PHE A 231 3.77 -21.84 -5.00
N LYS A 232 2.78 -21.33 -5.74
CA LYS A 232 3.01 -20.77 -7.08
C LYS A 232 4.19 -19.79 -7.17
N SER A 233 4.34 -18.92 -6.18
CA SER A 233 5.35 -17.87 -6.24
C SER A 233 6.74 -18.36 -5.93
N THR A 234 6.84 -19.57 -5.43
CA THR A 234 8.10 -20.08 -4.88
C THR A 234 8.52 -21.45 -5.41
N MSE A 235 7.58 -22.25 -5.93
CA MSE A 235 7.90 -23.59 -6.40
C MSE A 235 7.90 -23.71 -7.92
O MSE A 235 8.85 -24.23 -8.49
CB MSE A 235 6.93 -24.64 -5.83
CG MSE A 235 6.99 -24.77 -4.36
SE MSE A 235 8.65 -25.52 -3.75
CE MSE A 235 8.15 -27.39 -3.86
N LEU A 236 6.82 -23.26 -8.56
CA LEU A 236 6.66 -23.43 -10.00
C LEU A 236 7.75 -22.70 -10.77
N GLN A 237 8.11 -23.27 -11.90
CA GLN A 237 9.02 -22.67 -12.85
C GLN A 237 8.52 -23.14 -14.20
N VAL A 238 8.82 -22.38 -15.24
CA VAL A 238 8.44 -22.81 -16.58
C VAL A 238 9.72 -23.28 -17.23
N SER A 239 9.72 -24.49 -17.79
CA SER A 239 10.93 -24.96 -18.48
C SER A 239 11.04 -24.23 -19.81
N GLU A 240 12.27 -23.98 -20.23
CA GLU A 240 12.56 -23.16 -21.43
C GLU A 240 12.16 -23.84 -22.74
N LYS A 241 12.14 -25.16 -22.72
CA LYS A 241 11.93 -25.95 -23.91
C LYS A 241 10.93 -27.03 -23.55
N ASP A 242 10.08 -27.41 -24.49
CA ASP A 242 9.17 -28.55 -24.32
C ASP A 242 9.75 -29.53 -23.31
N LEU A 243 8.99 -29.81 -22.26
CA LEU A 243 9.56 -30.53 -21.13
C LEU A 243 9.82 -31.99 -21.46
N PHE A 244 8.92 -32.60 -22.23
CA PHE A 244 9.11 -34.00 -22.60
C PHE A 244 10.44 -34.18 -23.33
N GLU A 245 10.77 -33.21 -24.19
CA GLU A 245 12.04 -33.19 -24.89
C GLU A 245 13.22 -32.95 -23.94
N LEU A 246 13.12 -31.94 -23.09
CA LEU A 246 14.13 -31.72 -22.07
C LEU A 246 14.45 -33.02 -21.32
N GLU A 247 13.43 -33.80 -20.97
CA GLU A 247 13.62 -35.02 -20.21
C GLU A 247 14.39 -36.06 -21.03
N ARG A 248 13.92 -36.34 -22.25
CA ARG A 248 14.58 -37.33 -23.10
C ARG A 248 16.05 -36.94 -23.25
N TYR A 249 16.30 -35.68 -23.56
CA TYR A 249 17.65 -35.18 -23.63
C TYR A 249 18.45 -35.39 -22.35
N TYR A 250 18.03 -34.78 -21.23
CA TYR A 250 18.73 -34.95 -19.94
C TYR A 250 19.00 -36.42 -19.62
N LYS A 251 18.10 -37.31 -20.04
CA LYS A 251 18.27 -38.75 -19.81
C LYS A 251 19.40 -39.26 -20.65
N GLU A 252 19.27 -39.01 -21.96
CA GLU A 252 20.24 -39.37 -23.00
C GLU A 252 21.64 -38.90 -22.61
N GLN A 253 21.74 -37.70 -22.06
CA GLN A 253 23.01 -37.18 -21.58
C GLN A 253 23.48 -37.90 -20.32
N ALA A 254 22.55 -38.11 -19.40
CA ALA A 254 22.86 -38.73 -18.11
C ALA A 254 23.43 -40.13 -18.30
N ASP A 255 22.85 -40.89 -19.23
CA ASP A 255 23.36 -42.21 -19.58
C ASP A 255 24.85 -42.16 -19.90
N ILE A 256 25.26 -41.13 -20.64
CA ILE A 256 26.64 -41.04 -21.11
C ILE A 256 27.61 -40.71 -19.98
N TYR A 257 27.26 -39.79 -19.10
CA TYR A 257 28.11 -39.50 -17.95
C TYR A 257 28.31 -40.80 -17.16
N ALA A 258 27.21 -41.49 -16.89
CA ALA A 258 27.23 -42.78 -16.21
C ALA A 258 28.09 -43.81 -16.95
N LYS A 259 27.63 -44.23 -18.13
CA LYS A 259 28.39 -45.18 -18.95
C LYS A 259 29.85 -44.77 -19.13
N GLN A 260 30.09 -43.48 -19.36
CA GLN A 260 31.43 -42.96 -19.69
C GLN A 260 32.51 -43.34 -18.67
N GLN A 261 32.27 -43.03 -17.40
CA GLN A 261 33.23 -43.32 -16.32
C GLN A 261 33.38 -44.84 -16.10
N GLU A 262 32.24 -45.54 -16.02
CA GLU A 262 32.23 -46.97 -15.68
C GLU A 262 31.58 -47.86 -16.74
N ASN A 281 25.28 -34.85 -14.00
CA ASN A 281 24.09 -34.77 -13.14
C ASN A 281 22.85 -34.22 -13.83
N ASN A 282 21.83 -35.07 -13.98
CA ASN A 282 20.55 -34.66 -14.56
C ASN A 282 19.87 -33.58 -13.72
N PRO A 283 19.75 -32.37 -14.30
CA PRO A 283 19.21 -31.19 -13.58
C PRO A 283 17.79 -31.35 -13.06
N LEU A 284 17.01 -32.27 -13.63
CA LEU A 284 15.62 -32.42 -13.22
C LEU A 284 15.46 -33.11 -11.87
N VAL A 285 16.55 -33.60 -11.29
CA VAL A 285 16.47 -34.33 -10.03
C VAL A 285 16.66 -33.44 -8.80
N GLN A 286 16.98 -32.16 -9.02
CA GLN A 286 17.08 -31.20 -7.92
CA GLN A 286 17.10 -31.23 -7.91
C GLN A 286 15.79 -31.19 -7.15
N LYS A 287 15.89 -31.10 -5.83
CA LYS A 287 14.71 -31.09 -4.98
C LYS A 287 14.39 -29.67 -4.48
N LYS A 288 13.10 -29.39 -4.34
CA LYS A 288 12.68 -28.12 -3.80
C LYS A 288 11.75 -28.34 -2.62
N ASN A 289 11.98 -27.59 -1.54
CA ASN A 289 11.24 -27.75 -0.28
C ASN A 289 10.31 -26.60 0.12
N PHE A 290 9.04 -26.94 0.36
CA PHE A 290 8.02 -25.97 0.73
C PHE A 290 7.41 -26.32 2.09
N LEU A 291 7.55 -25.43 3.05
CA LEU A 291 6.92 -25.64 4.35
C LEU A 291 5.41 -25.39 4.27
N PHE A 292 4.64 -26.45 4.49
CA PHE A 292 3.19 -26.36 4.43
C PHE A 292 2.69 -26.13 5.85
N LYS A 293 2.23 -24.92 6.09
CA LYS A 293 1.93 -24.41 7.43
C LYS A 293 0.76 -25.04 8.17
N PRO A 294 -0.37 -25.22 7.48
CA PRO A 294 -1.56 -25.82 8.10
C PRO A 294 -1.32 -27.18 8.78
N LEU A 295 -0.26 -27.90 8.43
CA LEU A 295 0.07 -29.17 9.10
C LEU A 295 1.51 -29.18 9.60
N ASN A 296 2.16 -28.02 9.65
CA ASN A 296 3.60 -27.93 9.89
C ASN A 296 4.43 -29.07 9.24
N LYS A 297 4.35 -29.17 7.93
CA LYS A 297 4.83 -30.33 7.19
C LYS A 297 5.60 -29.87 5.93
N THR A 298 6.77 -30.45 5.70
CA THR A 298 7.55 -30.21 4.48
C THR A 298 7.01 -30.97 3.26
N LEU A 299 6.85 -30.25 2.15
CA LEU A 299 6.53 -30.87 0.86
C LEU A 299 7.71 -30.70 -0.09
N THR A 300 8.26 -31.81 -0.54
CA THR A 300 9.39 -31.77 -1.48
C THR A 300 9.02 -32.18 -2.90
N LEU A 301 9.28 -31.31 -3.88
CA LEU A 301 9.14 -31.66 -5.29
C LEU A 301 10.50 -31.70 -5.98
N ASP A 302 10.68 -32.60 -6.93
CA ASP A 302 11.86 -32.53 -7.77
C ASP A 302 11.63 -31.41 -8.82
N LEU A 303 12.69 -30.90 -9.43
CA LEU A 303 12.52 -29.81 -10.37
C LEU A 303 11.55 -30.16 -11.52
N LYS A 304 11.51 -31.41 -11.95
CA LYS A 304 10.58 -31.79 -13.01
C LYS A 304 9.13 -31.55 -12.62
N GLU A 305 8.80 -31.96 -11.41
CA GLU A 305 7.44 -31.82 -10.94
C GLU A 305 7.08 -30.32 -10.78
N CYS A 306 8.07 -29.51 -10.42
CA CYS A 306 7.92 -28.06 -10.44
C CYS A 306 7.68 -27.47 -11.85
N TYR A 307 8.33 -28.04 -12.87
CA TYR A 307 8.17 -27.56 -14.24
C TYR A 307 6.82 -28.00 -14.78
N GLN A 308 6.33 -29.10 -14.24
CA GLN A 308 5.16 -29.77 -14.80
C GLN A 308 3.90 -28.93 -14.83
N PHE A 309 3.68 -28.15 -13.78
CA PHE A 309 2.45 -27.37 -13.65
C PHE A 309 2.23 -26.38 -14.80
N ALA A 310 3.20 -25.52 -15.06
CA ALA A 310 3.09 -24.58 -16.18
C ALA A 310 3.12 -25.23 -17.57
N GLU A 311 3.67 -26.44 -17.70
CA GLU A 311 3.67 -27.15 -18.98
C GLU A 311 2.27 -27.29 -19.53
N TYR A 312 1.31 -27.40 -18.63
CA TYR A 312 -0.10 -27.55 -19.00
C TYR A 312 -0.61 -26.33 -19.75
N LEU A 313 -0.14 -25.15 -19.42
CA LEU A 313 -0.51 -23.94 -20.15
C LEU A 313 -0.09 -24.00 -21.61
N PHE A 314 1.02 -24.71 -21.85
CA PHE A 314 1.56 -24.83 -23.20
C PHE A 314 1.05 -26.07 -23.94
N LYS A 315 0.87 -27.17 -23.21
CA LYS A 315 0.42 -28.41 -23.81
C LYS A 315 -0.75 -28.99 -23.04
N PRO A 316 -1.89 -28.31 -23.09
CA PRO A 316 -3.00 -28.75 -22.23
C PRO A 316 -3.53 -30.12 -22.64
N GLN A 317 -3.09 -30.66 -23.77
CA GLN A 317 -3.46 -32.02 -24.12
C GLN A 317 -2.93 -33.04 -23.12
N LEU A 318 -2.13 -32.58 -22.17
CA LEU A 318 -1.53 -33.48 -21.20
C LEU A 318 -2.35 -33.68 -19.93
N ILE A 319 -3.48 -33.00 -19.81
CA ILE A 319 -4.38 -33.28 -18.69
C ILE A 319 -5.51 -34.16 -19.19
N SER A 320 -6.24 -33.64 -20.15
CA SER A 320 -7.29 -34.43 -20.78
C SER A 320 -7.00 -34.74 -22.23
N ASP A 321 -7.70 -35.75 -22.71
CA ASP A 321 -7.66 -36.15 -24.09
C ASP A 321 -8.69 -35.32 -24.83
N LYS A 322 -9.30 -34.37 -24.13
CA LYS A 322 -10.35 -33.54 -24.71
C LYS A 322 -9.82 -32.18 -25.16
N PHE A 323 -8.53 -31.94 -24.95
CA PHE A 323 -7.92 -30.67 -25.33
C PHE A 323 -6.96 -30.88 -26.50
N SER A 324 -7.07 -30.06 -27.54
CA SER A 324 -6.14 -30.18 -28.64
C SER A 324 -4.92 -29.35 -28.35
N PRO A 325 -3.77 -29.75 -28.92
CA PRO A 325 -2.55 -28.98 -28.74
C PRO A 325 -2.76 -27.53 -29.14
N GLU A 326 -3.81 -27.26 -29.93
CA GLU A 326 -4.08 -25.93 -30.44
C GLU A 326 -4.68 -24.98 -29.40
N ASP A 327 -5.13 -25.54 -28.28
CA ASP A 327 -5.66 -24.74 -27.17
C ASP A 327 -4.50 -24.25 -26.31
N GLY A 328 -3.32 -24.77 -26.61
CA GLY A 328 -2.10 -24.41 -25.91
C GLY A 328 -1.63 -23.03 -26.31
N LEU A 329 -0.90 -22.39 -25.41
CA LEU A 329 -0.51 -21.00 -25.60
C LEU A 329 0.32 -20.73 -26.86
N GLY A 330 1.21 -21.66 -27.23
CA GLY A 330 2.08 -21.48 -28.39
C GLY A 330 1.33 -21.39 -29.70
N PRO A 331 0.55 -22.43 -30.01
CA PRO A 331 -0.30 -22.43 -31.21
C PRO A 331 -1.22 -21.21 -31.23
N LEU A 332 -1.72 -20.85 -30.05
CA LEU A 332 -2.67 -19.75 -29.90
C LEU A 332 -2.08 -18.40 -30.31
N MSE A 333 -0.91 -18.08 -29.78
CA MSE A 333 -0.21 -16.86 -30.17
C MSE A 333 -0.07 -16.79 -31.68
O MSE A 333 -0.44 -15.80 -32.30
CB MSE A 333 1.18 -16.80 -29.53
CG MSE A 333 1.13 -16.56 -28.03
SE MSE A 333 2.90 -16.56 -27.26
CE MSE A 333 3.59 -18.20 -28.07
N ALA A 334 0.44 -17.87 -32.26
CA ALA A 334 0.61 -17.99 -33.69
C ALA A 334 -0.70 -17.74 -34.43
N LYS A 335 -1.74 -18.46 -34.03
CA LYS A 335 -3.06 -18.29 -34.61
C LYS A 335 -3.44 -16.82 -34.68
N SER A 336 -3.28 -16.13 -33.55
CA SER A 336 -3.70 -14.73 -33.45
C SER A 336 -2.89 -13.78 -34.33
N VAL A 337 -1.60 -14.06 -34.52
CA VAL A 337 -0.78 -13.23 -35.39
C VAL A 337 -1.22 -13.44 -36.83
N LYS A 338 -1.28 -14.71 -37.23
CA LYS A 338 -1.75 -15.05 -38.57
C LYS A 338 -3.12 -14.44 -38.85
N LYS A 339 -4.01 -14.47 -37.88
CA LYS A 339 -5.31 -13.80 -38.06
C LYS A 339 -5.16 -12.27 -38.11
N ALA A 340 -4.00 -11.78 -37.67
CA ALA A 340 -3.70 -10.36 -37.80
C ALA A 340 -3.28 -10.06 -39.21
N GLY A 341 -2.46 -10.96 -39.78
CA GLY A 341 -2.04 -10.86 -41.17
C GLY A 341 -3.19 -10.85 -42.16
N ALA A 342 -4.37 -11.22 -41.70
CA ALA A 342 -5.57 -11.16 -42.51
C ALA A 342 -6.32 -9.83 -42.33
N SER A 343 -5.64 -8.85 -41.74
CA SER A 343 -6.16 -7.49 -41.47
C SER A 343 -7.69 -7.41 -41.35
N ILE A 344 -8.42 -6.52 -42.08
CA ILE A 344 -7.94 -5.47 -42.98
C ILE A 344 -8.32 -4.10 -42.42
N SER A 380 2.49 -8.14 -47.37
CA SER A 380 1.67 -7.55 -46.32
C SER A 380 1.69 -8.40 -45.07
N PRO A 381 1.19 -9.70 -45.21
CA PRO A 381 1.14 -10.45 -43.95
C PRO A 381 2.52 -10.55 -43.37
N GLU A 382 3.48 -10.93 -44.18
CA GLU A 382 4.84 -10.97 -43.71
C GLU A 382 5.36 -9.59 -43.36
N GLN A 383 4.45 -8.64 -43.18
CA GLN A 383 4.82 -7.35 -42.68
C GLN A 383 4.19 -7.20 -41.30
N VAL A 384 2.88 -7.32 -41.22
CA VAL A 384 2.21 -7.39 -39.92
C VAL A 384 2.96 -8.36 -38.99
N TYR A 385 3.18 -9.59 -39.46
CA TYR A 385 4.01 -10.52 -38.72
C TYR A 385 5.26 -9.84 -38.18
N SER A 386 5.90 -9.01 -39.00
CA SER A 386 7.18 -8.42 -38.61
C SER A 386 7.00 -7.29 -37.61
N LEU A 387 5.94 -6.50 -37.79
CA LEU A 387 5.58 -5.43 -36.85
C LEU A 387 5.27 -5.98 -35.45
N LEU A 388 4.21 -6.78 -35.37
CA LEU A 388 3.84 -7.48 -34.15
C LEU A 388 5.04 -8.12 -33.43
N LEU A 389 5.83 -8.89 -34.16
CA LEU A 389 6.91 -9.67 -33.53
C LEU A 389 8.11 -8.82 -33.09
N THR A 390 8.10 -7.53 -33.39
CA THR A 390 9.17 -6.65 -32.92
C THR A 390 8.66 -5.77 -31.80
N ASN A 391 7.46 -6.09 -31.34
CA ASN A 391 6.81 -5.34 -30.27
C ASN A 391 5.94 -6.25 -29.44
N VAL A 392 6.54 -7.35 -29.01
CA VAL A 392 5.83 -8.31 -28.20
C VAL A 392 5.83 -7.84 -26.75
N ILE A 393 4.66 -7.71 -26.16
CA ILE A 393 4.53 -7.35 -24.75
C ILE A 393 4.02 -8.53 -23.93
N ILE A 394 4.82 -8.92 -22.94
CA ILE A 394 4.44 -9.98 -22.02
C ILE A 394 4.06 -9.37 -20.69
N THR A 395 2.87 -9.68 -20.22
CA THR A 395 2.32 -9.02 -19.05
C THR A 395 1.44 -9.98 -18.26
N GLY A 396 1.12 -9.64 -17.01
CA GLY A 396 0.20 -10.44 -16.22
C GLY A 396 0.85 -11.07 -15.01
N SER A 397 0.09 -11.22 -13.93
CA SER A 397 0.59 -11.82 -12.69
C SER A 397 1.30 -13.15 -12.94
N THR A 398 0.62 -14.07 -13.62
CA THR A 398 1.18 -15.37 -13.96
C THR A 398 2.43 -15.33 -14.85
N SER A 399 2.59 -14.28 -15.65
CA SER A 399 3.79 -14.14 -16.48
C SER A 399 5.07 -13.90 -15.69
N LEU A 400 4.94 -13.80 -14.37
CA LEU A 400 6.06 -13.59 -13.47
C LEU A 400 6.69 -14.88 -12.98
N ILE A 401 6.04 -16.01 -13.27
CA ILE A 401 6.58 -17.29 -12.87
C ILE A 401 7.91 -17.47 -13.57
N GLU A 402 8.95 -17.82 -12.81
CA GLU A 402 10.28 -17.96 -13.39
C GLU A 402 10.28 -18.83 -14.65
N GLY A 403 10.90 -18.32 -15.70
CA GLY A 403 11.06 -19.05 -16.96
C GLY A 403 10.02 -18.78 -18.04
N MSE A 404 8.91 -18.17 -17.63
CA MSE A 404 7.79 -17.84 -18.49
C MSE A 404 8.10 -17.00 -19.73
O MSE A 404 7.65 -17.35 -20.82
CB MSE A 404 6.73 -17.13 -17.64
CG MSE A 404 5.37 -17.03 -18.33
SE MSE A 404 4.51 -18.76 -18.55
CE MSE A 404 3.59 -18.89 -16.84
N GLU A 405 8.80 -15.88 -19.57
CA GLU A 405 9.09 -15.02 -20.74
C GLU A 405 9.84 -15.80 -21.78
N GLN A 406 10.86 -16.54 -21.34
CA GLN A 406 11.71 -17.29 -22.24
C GLN A 406 10.97 -18.40 -23.01
N ARG A 407 9.98 -19.01 -22.37
CA ARG A 407 9.26 -20.09 -23.03
C ARG A 407 8.24 -19.52 -24.00
N ILE A 408 7.68 -18.37 -23.65
CA ILE A 408 6.74 -17.69 -24.54
C ILE A 408 7.49 -17.24 -25.80
N ILE A 409 8.72 -16.79 -25.58
CA ILE A 409 9.61 -16.41 -26.65
C ILE A 409 10.04 -17.62 -27.50
N LYS A 410 10.60 -18.65 -26.88
CA LYS A 410 10.94 -19.86 -27.64
C LYS A 410 9.75 -20.37 -28.43
N GLU A 411 8.56 -20.24 -27.86
CA GLU A 411 7.38 -20.82 -28.46
C GLU A 411 6.94 -19.97 -29.66
N LEU A 412 7.25 -18.68 -29.58
CA LEU A 412 6.91 -17.75 -30.65
C LEU A 412 7.97 -17.83 -31.75
N SER A 413 9.23 -17.80 -31.34
CA SER A 413 10.35 -17.87 -32.28
C SER A 413 10.30 -19.08 -33.23
N ILE A 414 9.83 -20.24 -32.76
CA ILE A 414 9.81 -21.43 -33.62
C ILE A 414 8.61 -21.51 -34.55
N ARG A 415 7.54 -20.81 -34.21
CA ARG A 415 6.42 -20.71 -35.15
C ARG A 415 6.67 -19.63 -36.18
N PHE A 416 7.64 -18.76 -35.92
CA PHE A 416 8.00 -17.70 -36.86
C PHE A 416 9.51 -17.51 -36.99
N PRO A 417 10.18 -18.50 -37.60
CA PRO A 417 11.64 -18.51 -37.75
C PRO A 417 12.21 -17.37 -38.61
N GLN A 418 11.51 -16.97 -39.67
CA GLN A 418 12.02 -15.92 -40.54
C GLN A 418 12.18 -14.54 -39.84
N TYR A 419 11.49 -14.36 -38.72
CA TYR A 419 11.42 -13.04 -38.10
C TYR A 419 12.24 -12.92 -36.80
N LYS A 420 12.71 -11.71 -36.49
CA LYS A 420 13.40 -11.46 -35.24
C LYS A 420 12.42 -10.91 -34.23
N LEU A 421 12.33 -11.58 -33.07
CA LEU A 421 11.42 -11.15 -32.00
C LEU A 421 12.13 -10.23 -31.05
N THR A 422 11.46 -9.16 -30.68
CA THR A 422 11.93 -8.35 -29.57
C THR A 422 10.78 -8.17 -28.57
N THR A 423 10.96 -8.64 -27.35
CA THR A 423 9.88 -8.55 -26.39
C THR A 423 10.18 -7.54 -25.32
N PHE A 424 9.11 -7.04 -24.71
CA PHE A 424 9.19 -6.03 -23.66
C PHE A 424 8.32 -6.50 -22.53
N ALA A 425 8.76 -6.21 -21.31
CA ALA A 425 8.03 -6.59 -20.11
C ALA A 425 8.50 -5.74 -18.96
N ASN A 426 7.56 -5.37 -18.09
CA ASN A 426 7.94 -4.72 -16.85
C ASN A 426 8.73 -5.69 -16.00
N GLN A 427 9.92 -5.34 -15.59
CA GLN A 427 10.78 -6.23 -14.80
CA GLN A 427 10.67 -6.33 -14.82
C GLN A 427 10.37 -6.23 -13.32
N VAL A 428 9.66 -5.18 -12.92
CA VAL A 428 9.35 -4.94 -11.52
C VAL A 428 8.18 -5.77 -11.04
N MSE A 429 8.42 -6.66 -10.07
CA MSE A 429 7.42 -7.64 -9.64
C MSE A 429 6.00 -7.10 -9.47
O MSE A 429 5.03 -7.60 -10.08
CB MSE A 429 7.88 -8.27 -8.34
CG MSE A 429 9.05 -9.20 -8.53
SE MSE A 429 8.40 -10.90 -9.16
CE MSE A 429 8.56 -11.89 -7.48
N MSE A 430 5.86 -6.09 -8.62
CA MSE A 430 4.57 -5.47 -8.38
C MSE A 430 3.88 -5.01 -9.68
O MSE A 430 2.82 -5.51 -10.05
CB MSE A 430 4.72 -4.32 -7.40
CG MSE A 430 3.42 -3.86 -6.73
SE MSE A 430 3.79 -3.03 -4.99
CE MSE A 430 2.26 -1.83 -4.90
N ASP A 431 4.53 -4.09 -10.38
CA ASP A 431 4.00 -3.46 -11.61
C ASP A 431 3.35 -4.31 -12.74
N ARG A 432 3.54 -5.63 -12.80
CA ARG A 432 2.85 -6.41 -13.84
C ARG A 432 1.55 -6.97 -13.30
N LYS A 433 1.59 -7.33 -12.02
CA LYS A 433 0.40 -7.75 -11.31
C LYS A 433 -0.71 -6.71 -11.47
N ILE A 434 -0.33 -5.43 -11.39
CA ILE A 434 -1.24 -4.32 -11.59
C ILE A 434 -0.93 -3.49 -12.84
N GLN A 435 -0.37 -4.10 -13.88
CA GLN A 435 -0.02 -3.31 -15.05
C GLN A 435 -1.26 -2.83 -15.79
N GLY A 436 -2.34 -3.58 -15.70
CA GLY A 436 -3.60 -3.13 -16.26
C GLY A 436 -4.01 -1.80 -15.65
N TRP A 437 -4.01 -1.73 -14.32
CA TRP A 437 -4.34 -0.49 -13.59
C TRP A 437 -3.33 0.61 -13.88
N LEU A 438 -2.05 0.25 -13.90
CA LEU A 438 -0.98 1.17 -14.30
C LEU A 438 -1.24 1.78 -15.66
N GLY A 439 -1.77 0.98 -16.58
CA GLY A 439 -2.10 1.45 -17.91
C GLY A 439 -3.19 2.50 -17.85
N ALA A 440 -4.32 2.16 -17.23
CA ALA A 440 -5.42 3.10 -17.09
C ALA A 440 -4.92 4.40 -16.45
N LEU A 441 -4.04 4.27 -15.46
CA LEU A 441 -3.46 5.42 -14.79
C LEU A 441 -2.77 6.37 -15.78
N THR A 442 -2.00 5.81 -16.72
CA THR A 442 -1.25 6.67 -17.64
C THR A 442 -2.15 7.28 -18.70
N MSE A 443 -3.32 6.68 -18.92
CA MSE A 443 -4.36 7.31 -19.74
C MSE A 443 -4.95 8.49 -19.01
O MSE A 443 -5.24 9.52 -19.62
CB MSE A 443 -5.51 6.34 -20.00
CG MSE A 443 -5.15 5.07 -20.71
SE MSE A 443 -4.73 5.41 -22.54
CE MSE A 443 -6.28 6.53 -23.03
N ALA A 444 -5.19 8.33 -17.71
CA ALA A 444 -5.83 9.37 -16.91
C ALA A 444 -4.94 10.59 -16.77
N ASN A 445 -3.64 10.39 -16.94
CA ASN A 445 -2.70 11.50 -16.88
C ASN A 445 -2.33 12.03 -18.26
N LEU A 446 -3.15 11.76 -19.26
CA LEU A 446 -2.91 12.30 -20.59
C LEU A 446 -3.32 13.75 -20.57
N PRO A 447 -2.56 14.58 -21.27
CA PRO A 447 -2.59 16.03 -21.13
C PRO A 447 -3.81 16.69 -21.76
N SER A 448 -4.61 15.96 -22.54
CA SER A 448 -5.72 16.59 -23.25
C SER A 448 -7.00 15.80 -23.08
N TRP A 449 -8.13 16.50 -22.93
CA TRP A 449 -9.44 15.83 -22.77
C TRP A 449 -9.85 15.13 -24.05
N SER A 450 -9.20 15.48 -25.14
CA SER A 450 -9.56 14.99 -26.47
C SER A 450 -8.88 13.66 -26.77
N LEU A 451 -8.02 13.20 -25.86
CA LEU A 451 -7.28 11.96 -26.10
C LEU A 451 -8.08 10.70 -25.82
N GLY A 452 -9.16 10.83 -25.06
CA GLY A 452 -10.02 9.68 -24.82
C GLY A 452 -11.50 9.98 -24.99
N LYS A 453 -12.27 8.95 -25.30
CA LYS A 453 -13.72 9.11 -25.33
C LYS A 453 -14.18 9.21 -23.89
N TRP A 454 -14.87 10.30 -23.58
CA TRP A 454 -15.36 10.50 -22.24
C TRP A 454 -16.89 10.53 -22.26
N TYR A 455 -17.51 9.49 -21.72
CA TYR A 455 -18.96 9.41 -21.71
C TYR A 455 -19.51 10.32 -20.61
N SER A 456 -20.48 11.15 -20.96
CA SER A 456 -21.15 12.03 -20.03
C SER A 456 -22.58 11.56 -19.87
N LYS A 457 -23.28 12.08 -18.86
CA LYS A 457 -24.70 11.75 -18.69
C LYS A 457 -25.49 11.95 -20.00
N GLU A 458 -25.13 12.96 -20.79
CA GLU A 458 -25.68 13.16 -22.13
C GLU A 458 -25.72 11.86 -22.94
N ASP A 459 -24.54 11.42 -23.39
CA ASP A 459 -24.41 10.18 -24.17
C ASP A 459 -25.47 9.15 -23.81
N TYR A 460 -25.75 9.03 -22.51
CA TYR A 460 -26.70 8.06 -21.98
C TYR A 460 -28.11 8.47 -22.42
N GLU A 461 -28.44 9.73 -22.15
CA GLU A 461 -29.73 10.27 -22.55
C GLU A 461 -30.03 9.97 -24.01
N THR A 462 -29.05 10.25 -24.87
CA THR A 462 -29.25 10.12 -26.32
C THR A 462 -29.39 8.66 -26.78
N LEU A 463 -28.65 7.75 -26.13
CA LEU A 463 -28.81 6.32 -26.39
C LEU A 463 -30.22 5.85 -25.97
N LYS A 464 -30.74 6.44 -24.90
CA LYS A 464 -32.06 6.11 -24.38
C LYS A 464 -33.21 6.40 -25.35
N ARG A 465 -32.92 7.11 -26.44
CA ARG A 465 -33.96 7.51 -27.39
C ARG A 465 -34.18 6.50 -28.51
N ASP A 466 -35.31 5.80 -28.43
CA ASP A 466 -35.68 4.72 -29.36
C ASP A 466 -34.63 3.60 -29.43
N PRO B 3 16.58 31.19 5.07
CA PRO B 3 15.80 30.01 5.49
C PRO B 3 16.70 28.83 5.85
N PHE B 4 16.40 28.13 6.96
CA PHE B 4 15.35 28.46 7.94
C PHE B 4 15.96 28.52 9.33
N ARG B 5 15.31 29.26 10.23
CA ARG B 5 15.76 29.28 11.63
C ARG B 5 15.34 27.99 12.33
N GLN B 6 16.26 27.38 13.07
CA GLN B 6 15.91 26.18 13.85
C GLN B 6 14.97 26.48 15.02
N ASP B 7 15.10 27.69 15.58
CA ASP B 7 14.17 28.21 16.58
C ASP B 7 12.73 28.10 16.09
N SER B 8 12.56 28.05 14.77
CA SER B 8 11.28 28.31 14.13
C SER B 8 10.54 27.06 13.67
N ILE B 9 11.23 25.93 13.63
CA ILE B 9 10.61 24.71 13.13
C ILE B 9 9.54 24.20 14.09
N LEU B 10 8.37 23.91 13.53
CA LEU B 10 7.23 23.52 14.33
C LEU B 10 6.75 22.16 13.88
N ILE B 11 6.68 21.23 14.81
CA ILE B 11 6.29 19.87 14.53
C ILE B 11 5.02 19.60 15.32
N ILE B 12 4.03 19.04 14.67
CA ILE B 12 2.80 18.69 15.36
C ILE B 12 2.46 17.27 15.02
N TYR B 13 2.11 16.49 16.04
CA TYR B 13 1.84 15.07 15.87
C TYR B 13 0.52 14.78 16.57
N PRO B 14 -0.59 14.90 15.83
CA PRO B 14 -1.90 14.74 16.46
C PRO B 14 -2.37 13.29 16.45
N ARG B 15 -2.92 12.86 17.58
CA ARG B 15 -3.39 11.48 17.75
C ARG B 15 -4.72 11.54 18.47
N SER B 16 -5.39 10.41 18.59
CA SER B 16 -6.77 10.38 19.10
C SER B 16 -6.95 10.99 20.49
N GLN B 17 -6.01 10.72 21.40
CA GLN B 17 -6.19 11.21 22.76
C GLN B 17 -5.43 12.50 22.97
N THR B 18 -4.16 12.51 22.58
CA THR B 18 -3.36 13.73 22.71
C THR B 18 -2.58 14.09 21.46
N THR B 19 -1.93 15.25 21.52
CA THR B 19 -1.16 15.78 20.42
C THR B 19 0.18 16.25 20.94
N LEU B 20 1.26 15.62 20.48
CA LEU B 20 2.60 16.06 20.86
C LEU B 20 3.04 17.26 20.00
N VAL B 21 3.61 18.27 20.64
CA VAL B 21 4.00 19.49 19.93
C VAL B 21 5.39 19.98 20.33
N GLN B 22 6.13 20.53 19.37
CA GLN B 22 7.43 21.12 19.62
C GLN B 22 7.71 22.31 18.70
N PHE B 23 8.27 23.37 19.25
CA PHE B 23 8.59 24.56 18.47
C PHE B 23 10.06 24.92 18.67
N GLY B 24 10.88 24.74 17.64
CA GLY B 24 12.32 24.88 17.78
C GLY B 24 13.06 23.58 18.06
N LEU B 25 14.13 23.35 17.32
CA LEU B 25 14.99 22.19 17.55
C LEU B 25 16.27 22.55 18.29
N ASN B 26 16.69 21.68 19.20
CA ASN B 26 17.71 22.00 20.19
C ASN B 26 19.13 22.21 19.65
N GLU B 27 19.42 21.61 18.49
CA GLU B 27 20.71 21.77 17.80
C GLU B 27 21.84 20.89 18.37
N GLU B 28 21.89 20.75 19.69
CA GLU B 28 22.86 19.84 20.29
C GLU B 28 22.36 18.40 20.17
N THR B 29 21.32 18.07 20.91
CA THR B 29 20.65 16.78 20.74
C THR B 29 19.15 16.97 20.71
N PHE B 30 18.43 15.98 20.20
CA PHE B 30 16.98 16.05 20.11
C PHE B 30 16.31 15.72 21.44
N THR B 31 15.38 16.58 21.83
CA THR B 31 14.66 16.39 23.07
C THR B 31 13.29 15.80 22.83
N VAL B 32 12.83 14.99 23.77
CA VAL B 32 11.52 14.37 23.67
C VAL B 32 10.46 15.46 23.85
N PRO B 33 9.41 15.43 23.02
CA PRO B 33 8.48 16.56 23.02
C PRO B 33 7.92 16.82 24.41
N GLU B 34 7.88 18.08 24.82
CA GLU B 34 7.47 18.45 26.18
C GLU B 34 6.02 18.92 26.23
N LEU B 35 5.48 19.34 25.10
CA LEU B 35 4.11 19.82 25.02
C LEU B 35 3.15 18.69 24.65
N GLU B 36 2.21 18.38 25.54
CA GLU B 36 1.21 17.36 25.22
C GLU B 36 -0.19 17.86 25.53
N ILE B 37 -0.89 18.18 24.46
CA ILE B 37 -2.18 18.83 24.51
C ILE B 37 -3.25 17.82 24.16
N PRO B 38 -4.28 17.72 25.00
CA PRO B 38 -5.37 16.79 24.71
C PRO B 38 -6.04 17.16 23.39
N THR B 39 -6.29 16.16 22.55
CA THR B 39 -6.84 16.37 21.22
C THR B 39 -8.36 16.55 21.25
N GLN B 40 -8.79 17.78 21.57
CA GLN B 40 -10.20 18.13 21.59
C GLN B 40 -10.41 19.66 21.56
N ILE B 41 -11.59 20.07 21.12
CA ILE B 41 -11.94 21.49 21.03
C ILE B 41 -13.42 21.61 21.40
N TYR B 42 -13.82 22.76 21.96
CA TYR B 42 -15.25 23.02 22.22
C TYR B 42 -15.93 23.75 21.08
N ARG B 43 -17.12 23.28 20.73
CA ARG B 43 -17.88 23.81 19.60
C ARG B 43 -19.22 24.40 20.03
N THR B 44 -19.27 25.71 20.24
CA THR B 44 -20.52 26.38 20.54
C THR B 44 -21.31 26.59 19.24
N THR B 45 -22.62 26.44 19.35
CA THR B 45 -23.50 26.63 18.18
C THR B 45 -24.32 27.90 18.32
N ARG B 46 -24.08 28.83 17.39
CA ARG B 46 -24.67 30.17 17.47
C ARG B 46 -25.93 30.28 16.64
N GLN B 47 -27.08 30.44 17.31
CA GLN B 47 -28.36 30.57 16.63
C GLN B 47 -28.23 31.36 15.33
N ASP B 48 -28.59 30.69 14.23
CA ASP B 48 -28.35 31.14 12.85
C ASP B 48 -27.49 30.08 12.14
N GLY B 49 -27.10 29.04 12.89
CA GLY B 49 -26.47 27.87 12.31
C GLY B 49 -24.98 27.68 12.55
N SER B 50 -24.21 28.77 12.46
CA SER B 50 -22.74 28.70 12.45
C SER B 50 -22.11 28.09 13.71
N TYR B 51 -20.81 27.82 13.63
CA TYR B 51 -20.07 27.22 14.74
C TYR B 51 -18.99 28.16 15.26
N THR B 52 -18.72 28.13 16.56
CA THR B 52 -17.57 28.83 17.13
C THR B 52 -16.73 27.86 17.97
N TYR B 53 -15.41 28.06 18.03
CA TYR B 53 -14.55 27.07 18.67
C TYR B 53 -13.67 27.66 19.77
N HIS B 54 -13.77 27.07 20.96
CA HIS B 54 -13.06 27.61 22.13
C HIS B 54 -12.28 26.51 22.86
N SER B 55 -11.32 26.94 23.68
CA SER B 55 -10.49 26.02 24.45
C SER B 55 -11.23 25.45 25.67
N THR B 56 -12.23 26.19 26.16
CA THR B 56 -13.02 25.74 27.31
C THR B 56 -14.51 25.75 27.00
N ASN B 57 -15.26 24.92 27.72
CA ASN B 57 -16.70 25.00 27.66
C ASN B 57 -17.08 26.40 28.11
N LYS B 58 -17.41 27.26 27.15
CA LYS B 58 -17.72 28.65 27.44
C LYS B 58 -19.10 28.75 28.07
N ASP B 59 -19.15 29.08 29.36
CA ASP B 59 -20.41 29.20 30.09
C ASP B 59 -21.25 27.96 29.88
N ASN B 60 -20.61 26.80 29.80
CA ASN B 60 -21.30 25.54 29.52
C ASN B 60 -22.20 25.54 28.28
N LYS B 61 -21.91 26.44 27.34
CA LYS B 61 -22.66 26.59 26.09
C LYS B 61 -22.13 25.73 24.94
N ALA B 62 -20.83 25.40 25.00
CA ALA B 62 -20.20 24.64 23.92
C ALA B 62 -20.24 23.11 24.11
N GLU B 63 -20.18 22.40 23.00
CA GLU B 63 -20.12 20.94 23.01
C GLU B 63 -18.66 20.50 22.88
N LEU B 64 -18.34 19.31 23.38
CA LEU B 64 -16.96 18.85 23.31
C LEU B 64 -16.71 17.95 22.10
N ILE B 65 -15.89 18.43 21.17
CA ILE B 65 -15.59 17.70 19.97
C ILE B 65 -14.23 17.03 20.07
N LYS B 66 -14.20 15.73 19.81
CA LYS B 66 -12.94 15.00 19.70
C LYS B 66 -12.70 14.61 18.24
N PRO B 67 -11.88 15.40 17.55
CA PRO B 67 -11.79 15.42 16.08
C PRO B 67 -11.18 14.14 15.51
N ILE B 68 -10.22 13.57 16.23
CA ILE B 68 -9.53 12.36 15.76
C ILE B 68 -9.88 11.16 16.62
N GLN B 69 -10.43 10.14 15.99
CA GLN B 69 -10.85 8.94 16.69
C GLN B 69 -10.36 7.67 15.98
N ASN B 70 -9.76 6.77 16.75
CA ASN B 70 -9.12 5.60 16.15
C ASN B 70 -8.11 6.04 15.10
N GLY B 71 -7.57 7.24 15.27
CA GLY B 71 -6.56 7.79 14.39
C GLY B 71 -7.13 8.52 13.18
N GLU B 72 -8.38 8.22 12.86
CA GLU B 72 -9.08 8.85 11.74
C GLU B 72 -9.60 10.24 12.09
N ILE B 73 -9.56 11.17 11.14
CA ILE B 73 -10.18 12.47 11.35
C ILE B 73 -11.68 12.31 11.13
N ILE B 74 -12.49 12.61 12.13
CA ILE B 74 -13.93 12.37 11.97
C ILE B 74 -14.65 13.69 11.84
N ASP B 75 -13.94 14.78 12.16
CA ASP B 75 -14.48 16.12 12.05
C ASP B 75 -13.38 17.08 11.55
N ILE B 76 -13.29 17.25 10.24
CA ILE B 76 -12.17 18.00 9.66
C ILE B 76 -12.16 19.47 10.06
N SER B 77 -13.33 20.05 10.32
CA SER B 77 -13.43 21.45 10.71
C SER B 77 -12.94 21.70 12.14
N ALA B 78 -13.34 20.84 13.06
CA ALA B 78 -12.88 20.96 14.43
C ALA B 78 -11.39 20.65 14.47
N PHE B 79 -10.94 19.73 13.61
CA PHE B 79 -9.53 19.40 13.54
C PHE B 79 -8.67 20.60 13.12
N THR B 80 -9.08 21.29 12.05
CA THR B 80 -8.36 22.49 11.62
C THR B 80 -8.42 23.60 12.66
N GLN B 81 -9.56 23.72 13.33
CA GLN B 81 -9.71 24.68 14.41
C GLN B 81 -8.77 24.35 15.55
N PHE B 82 -8.54 23.06 15.75
CA PHE B 82 -7.65 22.62 16.82
C PHE B 82 -6.20 22.97 16.50
N LEU B 83 -5.84 22.86 15.21
CA LEU B 83 -4.47 23.21 14.81
C LEU B 83 -4.23 24.70 15.02
N ARG B 84 -5.21 25.50 14.64
CA ARG B 84 -5.12 26.96 14.78
C ARG B 84 -4.96 27.29 16.24
N LEU B 85 -5.70 26.60 17.08
CA LEU B 85 -5.65 26.83 18.52
C LEU B 85 -4.26 26.56 19.07
N ILE B 86 -3.67 25.43 18.69
CA ILE B 86 -2.29 25.18 19.02
C ILE B 86 -1.38 26.27 18.44
N PHE B 87 -1.53 26.53 17.16
CA PHE B 87 -0.60 27.42 16.48
C PHE B 87 -0.63 28.82 17.09
N VAL B 88 -1.82 29.35 17.28
CA VAL B 88 -1.97 30.66 17.87
C VAL B 88 -1.29 30.72 19.24
N SER B 89 -1.67 29.78 20.12
CA SER B 89 -1.06 29.68 21.45
C SER B 89 0.46 29.79 21.43
N ILE B 90 1.10 29.05 20.54
CA ILE B 90 2.56 29.12 20.39
C ILE B 90 3.02 30.53 20.04
N LEU B 91 2.29 31.20 19.15
CA LEU B 91 2.65 32.56 18.75
C LEU B 91 2.57 33.51 19.94
N SER B 92 1.45 33.47 20.65
CA SER B 92 1.25 34.31 21.82
C SER B 92 2.35 34.10 22.84
N ASP B 93 2.58 32.84 23.19
CA ASP B 93 3.59 32.47 24.16
C ASP B 93 4.95 33.08 23.84
N ARG B 94 5.43 32.86 22.62
CA ARG B 94 6.70 33.39 22.18
C ARG B 94 6.69 34.92 22.06
N ALA B 95 5.56 35.48 21.65
CA ALA B 95 5.46 36.92 21.39
C ALA B 95 5.54 37.74 22.67
N ASN B 96 5.04 37.18 23.77
CA ASN B 96 5.21 37.78 25.08
C ASN B 96 6.67 37.71 25.51
N LYS B 97 7.13 36.48 25.74
CA LYS B 97 8.47 36.23 26.26
C LYS B 97 9.58 37.10 25.65
N ASN B 98 9.44 37.48 24.38
CA ASN B 98 10.56 38.12 23.68
C ASN B 98 10.28 39.40 22.87
N GLN B 99 9.03 39.61 22.47
CA GLN B 99 8.58 40.90 21.93
C GLN B 99 9.21 41.37 20.60
N ASP B 100 10.43 40.94 20.30
CA ASP B 100 11.00 41.18 18.97
C ASP B 100 10.75 39.93 18.12
N ALA B 101 9.91 39.06 18.66
CA ALA B 101 9.67 37.74 18.10
C ALA B 101 9.21 37.74 16.65
N PHE B 102 8.41 38.72 16.26
CA PHE B 102 7.87 38.72 14.90
C PHE B 102 8.90 39.03 13.83
N GLU B 103 10.09 39.44 14.26
CA GLU B 103 11.18 39.72 13.34
C GLU B 103 12.19 38.57 13.36
N ALA B 104 12.11 37.77 14.43
CA ALA B 104 13.03 36.67 14.61
C ALA B 104 12.34 35.31 14.58
N GLU B 105 12.01 34.79 15.76
CA GLU B 105 11.50 33.43 15.91
C GLU B 105 10.19 33.18 15.20
N LEU B 106 9.41 34.24 14.98
CA LEU B 106 8.07 34.06 14.41
C LEU B 106 7.97 34.57 12.97
N SER B 107 9.10 34.95 12.39
CA SER B 107 9.12 35.55 11.05
C SER B 107 8.91 34.55 9.90
N ASN B 108 9.46 33.35 10.02
CA ASN B 108 9.24 32.32 9.01
C ASN B 108 9.13 30.96 9.67
N ILE B 109 7.90 30.52 9.93
CA ILE B 109 7.64 29.27 10.64
C ILE B 109 7.25 28.13 9.70
N PRO B 110 8.18 27.21 9.41
CA PRO B 110 7.85 26.03 8.62
C PRO B 110 7.14 25.00 9.48
N LEU B 111 6.15 24.30 8.93
CA LEU B 111 5.36 23.38 9.72
C LEU B 111 5.57 21.97 9.21
N LEU B 112 5.83 21.03 10.12
CA LEU B 112 5.80 19.60 9.79
C LEU B 112 4.64 18.92 10.55
N LEU B 113 3.67 18.42 9.80
CA LEU B 113 2.50 17.81 10.41
C LEU B 113 2.53 16.30 10.21
N ILE B 114 2.67 15.53 11.28
CA ILE B 114 2.69 14.08 11.11
C ILE B 114 1.30 13.49 10.86
N THR B 115 1.12 12.92 9.68
CA THR B 115 -0.18 12.38 9.32
C THR B 115 -0.34 10.90 9.66
N HIS B 116 -1.57 10.42 9.57
CA HIS B 116 -1.93 9.02 9.84
CA HIS B 116 -1.83 9.00 9.80
C HIS B 116 -2.40 8.36 8.55
N HIS B 117 -2.07 7.09 8.37
CA HIS B 117 -2.39 6.42 7.11
C HIS B 117 -3.84 6.58 6.67
N SER B 118 -4.75 6.75 7.62
CA SER B 118 -6.18 6.75 7.32
C SER B 118 -6.78 8.05 6.77
N TRP B 119 -6.04 9.15 6.82
CA TRP B 119 -6.52 10.44 6.33
C TRP B 119 -6.74 10.50 4.80
N SER B 120 -7.96 10.85 4.41
CA SER B 120 -8.33 11.12 3.02
C SER B 120 -7.31 11.98 2.28
N GLN B 121 -7.25 11.83 0.97
CA GLN B 121 -6.66 12.88 0.15
C GLN B 121 -7.46 14.15 0.41
N SER B 122 -8.79 14.04 0.45
CA SER B 122 -9.62 15.24 0.65
C SER B 122 -9.24 15.92 1.96
N ASP B 123 -9.02 15.12 2.99
CA ASP B 123 -8.63 15.69 4.27
C ASP B 123 -7.27 16.35 4.18
N LEU B 124 -6.33 15.68 3.50
CA LEU B 124 -4.99 16.24 3.35
C LEU B 124 -4.94 17.55 2.53
N GLU B 125 -5.84 17.69 1.58
CA GLU B 125 -5.89 18.92 0.79
C GLU B 125 -6.46 20.05 1.61
N ILE B 126 -7.61 19.81 2.25
CA ILE B 126 -8.22 20.78 3.15
C ILE B 126 -7.26 21.26 4.22
N ILE B 127 -6.55 20.35 4.87
CA ILE B 127 -5.52 20.73 5.81
C ILE B 127 -4.46 21.65 5.19
N THR B 128 -4.00 21.31 3.97
CA THR B 128 -3.04 22.13 3.22
C THR B 128 -3.59 23.53 2.99
N GLN B 129 -4.84 23.60 2.51
CA GLN B 129 -5.47 24.89 2.32
C GLN B 129 -5.50 25.68 3.62
N TYR B 130 -5.92 25.01 4.70
CA TYR B 130 -5.97 25.65 6.02
C TYR B 130 -4.63 26.21 6.46
N VAL B 131 -3.58 25.44 6.28
CA VAL B 131 -2.25 25.88 6.70
C VAL B 131 -1.75 27.09 5.89
N PHE B 132 -2.08 27.13 4.60
CA PHE B 132 -1.62 28.26 3.77
C PHE B 132 -2.55 29.45 3.83
N GLU B 133 -3.84 29.19 3.92
CA GLU B 133 -4.80 30.29 3.87
C GLU B 133 -5.19 30.85 5.24
N SER B 134 -5.57 30.00 6.18
CA SER B 134 -6.04 30.48 7.48
C SER B 134 -4.91 30.83 8.44
N LEU B 135 -3.95 29.91 8.60
CA LEU B 135 -2.81 30.13 9.50
C LEU B 135 -1.73 30.97 8.84
N GLU B 136 -1.89 31.19 7.55
CA GLU B 136 -0.96 32.01 6.79
C GLU B 136 0.50 31.58 6.94
N ILE B 137 0.71 30.28 7.15
CA ILE B 137 2.04 29.68 7.14
C ILE B 137 2.50 29.52 5.69
N ASN B 138 3.81 29.44 5.46
CA ASN B 138 4.36 29.44 4.09
C ASN B 138 5.01 28.15 3.59
N ASN B 139 5.27 27.23 4.50
CA ASN B 139 6.01 26.02 4.19
C ASN B 139 5.46 24.89 5.00
N LEU B 140 5.19 23.78 4.34
CA LEU B 140 4.52 22.66 5.01
C LEU B 140 5.01 21.30 4.52
N ILE B 141 5.44 20.44 5.44
CA ILE B 141 5.61 19.03 5.13
C ILE B 141 4.50 18.26 5.78
N GLN B 142 3.82 17.42 5.02
CA GLN B 142 2.98 16.41 5.64
C GLN B 142 3.72 15.08 5.59
N LEU B 143 4.23 14.66 6.76
CA LEU B 143 5.05 13.46 6.89
C LEU B 143 4.24 12.29 7.43
N PRO B 144 4.14 11.20 6.65
CA PRO B 144 3.41 10.05 7.17
C PRO B 144 4.09 9.51 8.42
N ALA B 145 3.28 9.05 9.37
CA ALA B 145 3.76 8.48 10.63
C ALA B 145 4.73 7.32 10.43
N SER B 146 4.36 6.38 9.55
CA SER B 146 5.23 5.27 9.16
C SER B 146 6.65 5.68 8.74
N LEU B 147 6.77 6.71 7.90
CA LEU B 147 8.08 7.15 7.46
C LEU B 147 8.87 7.81 8.59
N ALA B 148 8.23 8.65 9.39
CA ALA B 148 8.86 9.18 10.59
C ALA B 148 9.50 8.02 11.34
N ALA B 149 8.75 6.93 11.46
CA ALA B 149 9.24 5.74 12.14
C ALA B 149 10.53 5.23 11.53
N THR B 150 10.52 5.02 10.23
CA THR B 150 11.68 4.40 9.60
C THR B 150 12.88 5.31 9.55
N TYR B 151 12.65 6.63 9.55
CA TYR B 151 13.74 7.59 9.52
C TYR B 151 14.38 7.73 10.91
N SER B 152 13.57 7.55 11.95
CA SER B 152 14.13 7.54 13.30
C SER B 152 14.97 6.29 13.49
N MSE B 153 14.50 5.18 12.95
CA MSE B 153 15.15 3.88 13.11
C MSE B 153 16.37 3.70 12.23
O MSE B 153 16.56 2.63 11.63
CB MSE B 153 14.13 2.78 12.83
CG MSE B 153 13.02 2.76 13.84
SE MSE B 153 13.70 2.28 15.60
CE MSE B 153 13.96 0.37 15.34
N ILE B 154 17.21 4.73 12.16
CA ILE B 154 18.42 4.70 11.34
C ILE B 154 18.07 4.48 9.87
N SER B 155 16.97 5.10 9.44
CA SER B 155 16.57 5.16 8.04
C SER B 155 16.57 3.82 7.31
N LEU B 156 15.47 3.09 7.43
CA LEU B 156 15.38 1.76 6.87
C LEU B 156 14.61 1.78 5.60
N GLN B 157 15.19 1.19 4.57
CA GLN B 157 14.56 1.17 3.28
C GLN B 157 13.39 0.20 3.26
N ASN B 158 13.54 -0.91 3.97
CA ASN B 158 12.49 -1.92 4.06
C ASN B 158 12.24 -2.31 5.48
N CYS B 159 10.98 -2.26 5.89
CA CYS B 159 10.61 -2.54 7.27
C CYS B 159 9.10 -2.64 7.41
N CYS B 160 8.65 -3.05 8.59
CA CYS B 160 7.23 -3.07 8.90
C CYS B 160 7.00 -2.32 10.18
N ILE B 161 6.02 -1.43 10.19
CA ILE B 161 5.67 -0.68 11.38
C ILE B 161 4.44 -1.31 12.00
N ILE B 162 4.55 -1.66 13.27
CA ILE B 162 3.41 -2.11 14.06
C ILE B 162 3.13 -1.04 15.11
N ASP B 163 2.09 -0.25 14.89
CA ASP B 163 1.80 0.89 15.75
C ASP B 163 0.58 0.60 16.61
N VAL B 164 0.83 0.28 17.88
CA VAL B 164 -0.22 -0.17 18.79
C VAL B 164 -0.85 1.02 19.51
N GLY B 165 -2.09 1.31 19.14
CA GLY B 165 -2.85 2.36 19.80
C GLY B 165 -3.62 1.87 21.00
N THR B 166 -4.71 2.56 21.32
CA THR B 166 -5.55 2.20 22.45
C THR B 166 -6.70 1.29 22.02
N HIS B 167 -7.26 1.55 20.85
CA HIS B 167 -8.43 0.83 20.36
C HIS B 167 -8.22 0.13 19.04
N HIS B 168 -6.99 0.25 18.52
CA HIS B 168 -6.64 -0.23 17.20
C HIS B 168 -5.12 -0.27 17.05
N THR B 169 -4.64 -1.18 16.21
CA THR B 169 -3.22 -1.28 15.88
C THR B 169 -3.05 -1.21 14.36
N ASP B 170 -2.18 -0.33 13.92
CA ASP B 170 -1.92 -0.17 12.48
C ASP B 170 -0.76 -1.08 12.11
N ILE B 171 -0.87 -1.75 10.98
CA ILE B 171 0.26 -2.50 10.40
C ILE B 171 0.62 -1.97 9.02
N ILE B 172 1.84 -1.48 8.88
CA ILE B 172 2.22 -0.68 7.71
C ILE B 172 3.56 -1.08 7.11
N PRO B 173 3.52 -1.88 6.03
CA PRO B 173 4.83 -2.21 5.43
C PRO B 173 5.44 -1.06 4.60
N ILE B 174 6.74 -0.90 4.74
CA ILE B 174 7.50 0.05 3.95
C ILE B 174 8.51 -0.68 3.07
N VAL B 175 8.39 -0.53 1.74
CA VAL B 175 9.39 -1.02 0.79
C VAL B 175 9.98 0.12 -0.03
N ASP B 176 11.30 0.09 -0.25
CA ASP B 176 12.03 1.20 -0.89
C ASP B 176 11.56 2.58 -0.43
N TYR B 177 11.54 2.77 0.88
CA TYR B 177 11.19 4.05 1.51
C TYR B 177 9.80 4.57 1.17
N ALA B 178 8.93 3.65 0.77
CA ALA B 178 7.59 3.98 0.37
C ALA B 178 6.58 3.17 1.17
N GLN B 179 5.56 3.85 1.66
CA GLN B 179 4.50 3.14 2.38
C GLN B 179 3.62 2.41 1.39
N LEU B 180 3.45 1.11 1.61
CA LEU B 180 2.71 0.26 0.70
C LEU B 180 1.22 0.29 0.96
N ASP B 181 0.57 1.33 0.48
CA ASP B 181 -0.82 1.58 0.84
C ASP B 181 -1.77 0.40 0.75
N HIS B 182 -1.61 -0.44 -0.26
CA HIS B 182 -2.59 -1.50 -0.47
C HIS B 182 -2.39 -2.64 0.50
N LEU B 183 -1.28 -2.62 1.22
CA LEU B 183 -1.01 -3.63 2.24
C LEU B 183 -1.39 -3.15 3.63
N VAL B 184 -1.46 -1.83 3.79
CA VAL B 184 -1.74 -1.21 5.07
C VAL B 184 -3.12 -1.61 5.62
N SER B 185 -3.23 -1.64 6.95
CA SER B 185 -4.46 -2.05 7.64
C SER B 185 -4.32 -1.80 9.11
N SER B 186 -5.46 -1.79 9.78
CA SER B 186 -5.46 -1.76 11.22
C SER B 186 -6.43 -2.83 11.74
N ILE B 187 -6.14 -3.36 12.92
CA ILE B 187 -7.09 -4.24 13.55
C ILE B 187 -7.72 -3.46 14.70
N PRO B 188 -9.02 -3.67 14.93
CA PRO B 188 -9.80 -2.96 15.96
C PRO B 188 -9.44 -3.38 17.38
N MSE B 189 -8.14 -3.44 17.67
CA MSE B 189 -7.65 -4.03 18.90
C MSE B 189 -6.34 -3.39 19.34
O MSE B 189 -5.45 -3.23 18.52
CB MSE B 189 -7.44 -5.50 18.63
CG MSE B 189 -6.95 -6.26 19.79
SE MSE B 189 -7.60 -8.08 19.69
CE MSE B 189 -6.97 -8.71 21.42
N GLY B 190 -6.21 -3.04 20.61
CA GLY B 190 -5.03 -2.34 21.12
C GLY B 190 -4.84 -2.50 22.63
N GLY B 191 -4.24 -1.52 23.28
CA GLY B 191 -4.05 -1.54 24.73
C GLY B 191 -5.26 -1.89 25.58
N GLN B 192 -6.41 -1.30 25.30
CA GLN B 192 -7.62 -1.64 26.05
C GLN B 192 -7.87 -3.14 26.12
N SER B 193 -7.47 -3.87 25.08
CA SER B 193 -7.64 -5.32 25.07
C SER B 193 -7.04 -5.93 26.31
N ILE B 194 -5.93 -5.37 26.74
CA ILE B 194 -5.24 -5.87 27.91
C ILE B 194 -6.16 -5.63 29.10
N ASN B 195 -6.55 -4.38 29.29
CA ASN B 195 -7.58 -4.06 30.26
C ASN B 195 -8.73 -5.09 30.25
N ASP B 196 -9.35 -5.31 29.08
CA ASP B 196 -10.47 -6.25 28.96
C ASP B 196 -10.15 -7.69 29.35
N SER B 197 -9.01 -8.20 28.90
CA SER B 197 -8.53 -9.54 29.26
C SER B 197 -8.43 -9.67 30.77
N LEU B 198 -7.87 -8.64 31.39
CA LEU B 198 -7.66 -8.59 32.82
C LEU B 198 -8.98 -8.54 33.63
N LYS B 199 -9.94 -7.71 33.20
CA LYS B 199 -11.27 -7.69 33.83
C LYS B 199 -11.88 -9.10 33.94
N LYS B 200 -11.68 -9.93 32.94
CA LYS B 200 -12.19 -11.28 32.96
C LYS B 200 -11.44 -12.14 33.98
N LEU B 201 -10.13 -11.89 34.11
CA LEU B 201 -9.29 -12.63 35.04
C LEU B 201 -9.35 -12.13 36.50
N LEU B 202 -9.81 -10.90 36.70
CA LEU B 202 -9.89 -10.30 38.01
C LEU B 202 -11.24 -9.61 38.19
N PRO B 203 -12.31 -10.40 38.34
CA PRO B 203 -13.66 -9.84 38.38
C PRO B 203 -13.86 -8.87 39.52
N GLN B 204 -13.23 -9.10 40.66
CA GLN B 204 -13.57 -8.25 41.81
C GLN B 204 -12.81 -6.92 41.82
N TRP B 205 -11.97 -6.70 40.82
CA TRP B 205 -11.30 -5.42 40.65
C TRP B 205 -12.17 -4.47 39.84
N ASP B 206 -11.83 -3.19 39.88
CA ASP B 206 -12.46 -2.22 39.01
C ASP B 206 -11.46 -1.60 38.00
N ASP B 207 -11.96 -0.70 37.17
CA ASP B 207 -11.21 -0.20 36.03
C ASP B 207 -9.90 0.46 36.42
N ASP B 208 -9.96 1.33 37.42
CA ASP B 208 -8.77 2.05 37.88
C ASP B 208 -7.75 1.10 38.50
N GLN B 209 -8.23 0.07 39.17
CA GLN B 209 -7.33 -0.93 39.72
C GLN B 209 -6.63 -1.69 38.59
N ILE B 210 -7.40 -2.10 37.59
CA ILE B 210 -6.82 -2.80 36.45
C ILE B 210 -5.86 -1.94 35.63
N GLU B 211 -6.27 -0.72 35.30
CA GLU B 211 -5.35 0.20 34.64
C GLU B 211 -4.04 0.43 35.41
N SER B 212 -4.10 0.43 36.73
CA SER B 212 -2.93 0.67 37.58
C SER B 212 -1.93 -0.46 37.53
N LEU B 213 -2.44 -1.68 37.44
CA LEU B 213 -1.61 -2.87 37.33
C LEU B 213 -0.83 -2.84 36.01
N LYS B 214 -1.55 -2.69 34.90
CA LYS B 214 -0.98 -2.52 33.57
C LYS B 214 0.15 -1.49 33.54
N LYS B 215 0.00 -0.40 34.28
CA LYS B 215 1.01 0.66 34.26
C LYS B 215 2.05 0.53 35.35
N SER B 216 2.09 -0.62 36.01
CA SER B 216 2.93 -0.76 37.19
C SER B 216 4.22 -1.48 36.87
N PRO B 217 5.22 -1.38 37.75
CA PRO B 217 6.50 -2.05 37.53
C PRO B 217 6.39 -3.56 37.53
N ILE B 218 5.35 -4.13 38.13
CA ILE B 218 5.25 -5.58 38.23
C ILE B 218 4.42 -6.26 37.13
N PHE B 219 3.95 -5.51 36.14
CA PHE B 219 3.23 -6.12 35.02
C PHE B 219 4.20 -6.38 33.84
N GLU B 220 4.39 -7.63 33.48
CA GLU B 220 5.21 -7.90 32.31
C GLU B 220 4.70 -9.04 31.45
N VAL B 221 5.10 -9.07 30.19
CA VAL B 221 4.87 -10.24 29.36
C VAL B 221 6.10 -11.13 29.37
N LEU B 222 5.92 -12.39 29.75
CA LEU B 222 7.01 -13.35 29.89
C LEU B 222 7.22 -14.11 28.60
N SER B 223 8.46 -14.50 28.30
CA SER B 223 8.75 -15.29 27.08
C SER B 223 10.20 -15.73 26.99
N LYS B 247 13.94 -11.07 41.53
CA LYS B 247 13.33 -11.21 40.20
C LYS B 247 11.80 -11.47 40.26
N ASN B 248 11.04 -10.62 39.58
CA ASN B 248 9.57 -10.65 39.58
C ASN B 248 8.93 -11.97 39.12
N SER B 249 9.40 -12.50 38.00
CA SER B 249 8.88 -13.77 37.48
C SER B 249 9.05 -14.93 38.46
N ASP B 250 9.78 -14.69 39.54
CA ASP B 250 10.15 -15.74 40.50
C ASP B 250 9.13 -15.82 41.62
N LEU B 251 8.50 -14.70 41.91
CA LEU B 251 7.50 -14.59 42.97
C LEU B 251 6.10 -15.03 42.55
N GLU B 252 5.43 -15.81 43.38
CA GLU B 252 4.03 -16.15 43.12
C GLU B 252 3.16 -14.89 43.20
N PHE B 253 3.33 -14.10 44.26
CA PHE B 253 2.62 -12.83 44.41
C PHE B 253 3.56 -11.65 44.45
N ASN B 254 3.04 -10.49 44.07
CA ASN B 254 3.78 -9.25 44.16
C ASN B 254 2.81 -8.09 44.44
N THR B 255 3.39 -6.91 44.65
CA THR B 255 2.64 -5.81 45.21
C THR B 255 2.83 -4.56 44.35
N PHE B 256 1.84 -3.70 44.37
CA PHE B 256 1.94 -2.46 43.63
C PHE B 256 0.95 -1.52 44.28
N TRP B 257 1.00 -0.24 43.93
CA TRP B 257 0.20 0.75 44.63
C TRP B 257 -0.83 1.48 43.73
N ASP B 258 -2.04 1.59 44.26
CA ASP B 258 -3.14 2.28 43.61
C ASP B 258 -2.74 3.66 43.10
N GLU B 259 -3.59 4.21 42.24
CA GLU B 259 -3.51 5.61 41.86
C GLU B 259 -3.69 6.47 43.10
N LYS B 260 -4.51 5.98 44.04
CA LYS B 260 -4.82 6.70 45.26
C LYS B 260 -3.98 6.21 46.44
N GLY B 261 -2.87 5.54 46.15
CA GLY B 261 -1.97 5.08 47.19
C GLY B 261 -2.31 3.76 47.86
N ASN B 262 -3.35 3.09 47.39
CA ASN B 262 -3.80 1.85 48.03
C ASN B 262 -3.00 0.64 47.58
N GLU B 263 -2.47 -0.12 48.53
CA GLU B 263 -1.63 -1.26 48.15
C GLU B 263 -2.47 -2.47 47.72
N ILE B 264 -2.07 -3.04 46.60
CA ILE B 264 -2.77 -4.15 45.97
C ILE B 264 -1.80 -5.28 45.72
N LYS B 265 -2.20 -6.50 46.07
CA LYS B 265 -1.40 -7.67 45.79
C LYS B 265 -2.01 -8.46 44.65
N VAL B 266 -1.20 -9.19 43.91
CA VAL B 266 -1.68 -9.86 42.72
C VAL B 266 -0.82 -11.07 42.37
N GLY B 267 -1.46 -12.14 41.89
CA GLY B 267 -0.75 -13.35 41.55
C GLY B 267 -0.35 -13.38 40.09
N LYS B 268 -0.51 -14.56 39.49
CA LYS B 268 -0.09 -14.82 38.12
C LYS B 268 -0.74 -13.90 37.07
N GLN B 269 -1.84 -13.23 37.42
CA GLN B 269 -2.54 -12.33 36.49
C GLN B 269 -1.66 -11.20 35.92
N ARG B 270 -0.56 -10.89 36.59
CA ARG B 270 0.28 -9.77 36.16
C ARG B 270 1.18 -10.17 35.00
N PHE B 271 1.18 -11.46 34.68
CA PHE B 271 1.90 -11.96 33.52
C PHE B 271 0.90 -12.34 32.42
N GLN B 272 -0.35 -11.93 32.58
CA GLN B 272 -1.39 -12.22 31.61
C GLN B 272 -1.96 -10.98 30.94
N GLY B 273 -2.90 -11.20 30.02
CA GLY B 273 -3.73 -10.17 29.44
C GLY B 273 -3.22 -9.59 28.14
N CYS B 274 -1.98 -9.91 27.76
CA CYS B 274 -1.37 -9.33 26.56
C CYS B 274 -1.47 -10.26 25.36
N ASN B 275 -1.87 -11.49 25.62
CA ASN B 275 -1.80 -12.58 24.66
C ASN B 275 -2.74 -12.47 23.43
N ASN B 276 -4.02 -12.35 23.69
CA ASN B 276 -4.99 -12.15 22.62
C ASN B 276 -4.58 -11.02 21.67
N LEU B 277 -4.02 -9.93 22.18
CA LEU B 277 -3.61 -8.83 21.31
C LEU B 277 -2.41 -9.27 20.47
N ILE B 278 -1.39 -9.78 21.15
CA ILE B 278 -0.20 -10.27 20.49
C ILE B 278 -0.49 -11.29 19.37
N LYS B 279 -1.43 -12.20 19.60
CA LYS B 279 -1.81 -13.15 18.56
C LYS B 279 -2.50 -12.47 17.40
N ASN B 280 -3.48 -11.62 17.68
CA ASN B 280 -4.15 -10.88 16.61
C ASN B 280 -3.23 -10.07 15.70
N ILE B 281 -2.32 -9.30 16.29
CA ILE B 281 -1.32 -8.53 15.54
C ILE B 281 -0.49 -9.47 14.67
N SER B 282 0.01 -10.54 15.26
CA SER B 282 0.83 -11.50 14.53
C SER B 282 0.14 -12.12 13.31
N ASN B 283 -1.11 -12.53 13.47
CA ASN B 283 -1.86 -13.09 12.34
C ASN B 283 -1.96 -12.08 11.23
N ARG B 284 -2.21 -10.83 11.60
CA ARG B 284 -2.27 -9.79 10.60
C ARG B 284 -0.90 -9.54 9.94
N VAL B 285 0.16 -9.49 10.73
CA VAL B 285 1.47 -9.22 10.16
C VAL B 285 1.79 -10.27 9.11
N GLY B 286 1.45 -11.52 9.42
CA GLY B 286 1.70 -12.62 8.51
C GLY B 286 0.98 -12.49 7.18
N LEU B 287 -0.33 -12.27 7.21
CA LEU B 287 -1.06 -12.08 5.97
C LEU B 287 -0.53 -10.88 5.18
N THR B 288 -0.11 -9.85 5.89
CA THR B 288 0.37 -8.68 5.21
C THR B 288 1.67 -8.98 4.46
N LEU B 289 2.70 -9.40 5.19
CA LEU B 289 4.01 -9.52 4.58
C LEU B 289 4.04 -10.61 3.51
N ASP B 290 3.11 -11.53 3.62
CA ASP B 290 2.94 -12.58 2.62
C ASP B 290 2.42 -12.05 1.28
N ASN B 291 2.00 -10.79 1.24
CA ASN B 291 1.48 -10.22 0.01
C ASN B 291 2.42 -9.20 -0.56
N ILE B 292 3.64 -9.18 -0.04
CA ILE B 292 4.74 -8.47 -0.68
C ILE B 292 5.24 -9.36 -1.83
N ASP B 293 5.21 -8.81 -3.05
CA ASP B 293 5.43 -9.64 -4.25
C ASP B 293 6.90 -9.94 -4.53
N ASP B 294 7.78 -8.99 -4.23
CA ASP B 294 9.21 -9.23 -4.43
C ASP B 294 9.85 -9.90 -3.22
N ILE B 295 10.07 -11.19 -3.29
CA ILE B 295 10.54 -11.93 -2.12
C ILE B 295 11.81 -11.35 -1.53
N ASN B 296 12.63 -10.68 -2.34
CA ASN B 296 13.86 -10.08 -1.84
C ASN B 296 13.61 -8.85 -0.97
N LYS B 297 12.60 -8.08 -1.34
CA LYS B 297 12.08 -7.04 -0.47
C LYS B 297 11.52 -7.67 0.81
N ALA B 298 10.61 -8.62 0.65
CA ALA B 298 9.98 -9.31 1.76
C ALA B 298 10.98 -9.76 2.84
N LYS B 299 12.06 -10.42 2.42
CA LYS B 299 13.05 -10.88 3.38
C LYS B 299 13.55 -9.73 4.23
N ALA B 300 13.76 -8.58 3.60
CA ALA B 300 14.29 -7.40 4.27
C ALA B 300 13.30 -6.84 5.27
N VAL B 301 12.02 -6.75 4.87
CA VAL B 301 10.99 -6.27 5.76
C VAL B 301 10.91 -7.10 7.05
N TRP B 302 10.74 -8.40 6.92
CA TRP B 302 10.75 -9.31 8.06
C TRP B 302 11.96 -9.14 8.97
N GLU B 303 13.02 -8.51 8.50
CA GLU B 303 14.23 -8.38 9.33
C GLU B 303 14.32 -7.00 9.95
N ASN B 304 13.28 -6.21 9.77
CA ASN B 304 13.23 -4.89 10.34
C ASN B 304 11.83 -4.56 10.81
N ILE B 305 11.33 -5.37 11.76
CA ILE B 305 10.04 -5.12 12.39
C ILE B 305 10.21 -3.99 13.42
N ILE B 306 9.37 -2.96 13.29
CA ILE B 306 9.38 -1.80 14.17
C ILE B 306 8.07 -1.76 14.96
N ILE B 307 8.17 -1.74 16.29
CA ILE B 307 6.98 -1.70 17.14
C ILE B 307 6.93 -0.40 17.96
N VAL B 308 5.83 0.32 17.86
CA VAL B 308 5.73 1.63 18.49
C VAL B 308 4.37 1.79 19.14
N GLY B 309 4.26 2.77 20.03
CA GLY B 309 3.02 3.04 20.75
C GLY B 309 3.10 2.80 22.25
N GLY B 310 2.25 3.48 23.01
CA GLY B 310 2.27 3.37 24.46
C GLY B 310 2.30 1.96 25.00
N THR B 311 1.36 1.13 24.57
CA THR B 311 1.37 -0.24 25.03
C THR B 311 2.77 -0.85 25.02
N THR B 312 3.56 -0.50 24.01
CA THR B 312 4.80 -1.23 23.76
C THR B 312 5.81 -1.01 24.84
N SER B 313 5.55 -0.05 25.71
CA SER B 313 6.49 0.18 26.79
C SER B 313 6.28 -0.80 27.95
N ILE B 314 5.24 -1.62 27.84
CA ILE B 314 5.00 -2.65 28.85
C ILE B 314 6.17 -3.60 28.81
N SER B 315 6.84 -3.75 29.93
CA SER B 315 7.99 -4.63 29.98
C SER B 315 7.69 -6.00 29.40
N GLY B 316 8.55 -6.42 28.48
CA GLY B 316 8.43 -7.71 27.83
C GLY B 316 7.60 -7.73 26.55
N PHE B 317 6.86 -6.64 26.27
CA PHE B 317 5.87 -6.69 25.22
C PHE B 317 6.45 -6.91 23.82
N LYS B 318 7.32 -6.02 23.37
CA LYS B 318 7.96 -6.17 22.08
C LYS B 318 8.60 -7.56 21.90
N GLU B 319 9.39 -8.00 22.87
CA GLU B 319 10.04 -9.30 22.74
C GLU B 319 9.00 -10.41 22.66
N ALA B 320 7.89 -10.25 23.35
CA ALA B 320 6.84 -11.25 23.34
C ALA B 320 6.18 -11.30 21.97
N LEU B 321 6.03 -10.13 21.36
CA LEU B 321 5.42 -10.01 20.04
C LEU B 321 6.33 -10.63 18.99
N LEU B 322 7.63 -10.35 19.10
CA LEU B 322 8.62 -10.99 18.24
C LEU B 322 8.51 -12.50 18.40
N GLY B 323 8.41 -12.94 19.65
CA GLY B 323 8.41 -14.36 19.95
C GLY B 323 7.26 -15.03 19.22
N GLN B 324 6.19 -14.29 19.02
CA GLN B 324 4.98 -14.88 18.50
C GLN B 324 5.09 -14.93 17.01
N LEU B 325 5.65 -13.88 16.42
CA LEU B 325 5.87 -13.84 14.99
C LEU B 325 6.76 -15.02 14.62
N LEU B 326 7.83 -15.23 15.36
CA LEU B 326 8.64 -16.44 15.18
C LEU B 326 7.82 -17.73 15.27
N LYS B 327 7.10 -17.92 16.35
CA LYS B 327 6.32 -19.14 16.54
C LYS B 327 5.37 -19.39 15.38
N ASP B 328 4.84 -18.34 14.77
CA ASP B 328 3.79 -18.50 13.78
C ASP B 328 4.22 -18.52 12.33
N HIS B 329 5.39 -17.95 12.03
CA HIS B 329 5.68 -17.54 10.65
C HIS B 329 7.04 -17.93 10.17
N LEU B 330 7.94 -18.20 11.10
CA LEU B 330 9.30 -18.56 10.72
C LEU B 330 9.29 -19.80 9.83
N ILE B 331 10.01 -19.73 8.73
CA ILE B 331 10.18 -20.90 7.87
C ILE B 331 11.40 -21.67 8.39
N ILE B 332 11.16 -22.85 8.93
CA ILE B 332 12.22 -23.66 9.52
C ILE B 332 11.71 -25.10 9.59
N GLU B 333 12.62 -26.07 9.63
CA GLU B 333 12.18 -27.48 9.63
C GLU B 333 11.32 -27.83 10.85
N PRO B 334 10.16 -28.46 10.59
CA PRO B 334 9.29 -28.93 11.67
C PRO B 334 10.07 -29.87 12.60
N GLU B 335 9.98 -29.70 13.94
CA GLU B 335 10.80 -30.47 14.88
C GLU B 335 10.75 -32.00 14.76
N GLU B 336 9.54 -32.58 14.65
CA GLU B 336 9.44 -34.04 14.45
C GLU B 336 10.23 -34.51 13.22
N GLU B 337 9.95 -33.93 12.06
CA GLU B 337 10.72 -34.20 10.86
C GLU B 337 12.23 -34.17 11.13
N LYS B 338 12.67 -33.16 11.87
CA LYS B 338 14.10 -33.01 12.10
C LYS B 338 14.60 -34.09 13.02
N SER B 339 13.76 -34.49 13.97
CA SER B 339 14.14 -35.52 14.94
C SER B 339 14.31 -36.90 14.27
N LYS B 340 13.40 -37.24 13.35
CA LYS B 340 13.59 -38.43 12.52
C LYS B 340 14.94 -38.39 11.83
N ARG B 341 15.17 -37.39 10.97
CA ARG B 341 16.43 -37.27 10.23
C ARG B 341 17.69 -37.48 11.08
N GLU B 342 17.62 -37.10 12.36
CA GLU B 342 18.78 -37.24 13.25
C GLU B 342 18.92 -38.68 13.77
N GLU B 343 17.80 -39.36 13.95
CA GLU B 343 17.82 -40.79 14.27
C GLU B 343 18.37 -41.57 13.07
N GLU B 344 17.75 -41.39 11.92
CA GLU B 344 18.29 -41.91 10.66
C GLU B 344 19.81 -41.79 10.51
N ALA B 345 20.37 -40.63 10.85
CA ALA B 345 21.81 -40.41 10.70
C ALA B 345 22.62 -41.11 11.78
N LYS B 346 21.94 -41.66 12.78
CA LYS B 346 22.58 -42.59 13.71
C LYS B 346 22.54 -44.00 13.13
N SER B 347 23.55 -44.31 12.33
CA SER B 347 23.59 -45.54 11.55
C SER B 347 24.80 -45.53 10.62
N PHE B 366 25.91 -36.16 11.72
CA PHE B 366 25.73 -34.90 11.00
C PHE B 366 24.48 -34.89 10.12
N VAL B 367 23.71 -33.83 10.24
CA VAL B 367 22.49 -33.68 9.46
C VAL B 367 22.49 -32.31 8.76
N PRO B 368 22.40 -32.31 7.42
CA PRO B 368 22.41 -31.04 6.70
C PRO B 368 21.11 -30.29 6.93
N THR B 369 21.17 -28.96 6.88
CA THR B 369 19.97 -28.14 7.05
C THR B 369 19.08 -28.25 5.82
N ILE B 370 17.79 -28.53 6.02
CA ILE B 370 16.81 -28.39 4.95
C ILE B 370 16.63 -26.94 4.50
N GLU B 371 16.76 -26.67 3.20
CA GLU B 371 16.55 -25.34 2.67
C GLU B 371 15.15 -25.23 2.11
N TYR B 372 14.43 -24.19 2.52
CA TYR B 372 13.08 -23.94 2.02
C TYR B 372 13.11 -22.81 1.00
N VAL B 373 12.11 -22.76 0.13
CA VAL B 373 12.01 -21.72 -0.91
C VAL B 373 11.29 -20.47 -0.41
N GLN B 374 10.72 -20.55 0.77
CA GLN B 374 9.89 -19.47 1.28
C GLN B 374 10.67 -18.53 2.16
N CYS B 375 10.10 -17.35 2.39
CA CYS B 375 10.56 -16.51 3.49
C CYS B 375 9.37 -16.31 4.45
N PRO B 376 9.63 -15.91 5.69
CA PRO B 376 10.93 -15.54 6.27
C PRO B 376 11.63 -16.70 6.94
N THR B 377 12.94 -16.80 6.70
CA THR B 377 13.78 -17.71 7.46
C THR B 377 14.48 -16.96 8.57
N VAL B 378 14.40 -15.63 8.50
CA VAL B 378 14.89 -14.78 9.57
C VAL B 378 13.86 -13.71 9.93
N ILE B 379 13.55 -13.58 11.21
CA ILE B 379 12.69 -12.50 11.68
C ILE B 379 13.38 -11.74 12.82
N LYS B 380 13.40 -10.43 12.72
CA LYS B 380 14.12 -9.61 13.67
C LYS B 380 13.38 -8.31 13.90
N LEU B 381 13.54 -7.76 15.09
CA LEU B 381 13.15 -6.39 15.34
C LEU B 381 14.27 -5.49 14.83
N ALA B 382 13.89 -4.39 14.20
CA ALA B 382 14.86 -3.42 13.77
C ALA B 382 15.59 -2.87 14.97
N LYS B 383 16.87 -2.59 14.78
CA LYS B 383 17.76 -2.05 15.80
C LYS B 383 17.54 -0.54 16.07
N TYR B 384 17.31 -0.19 17.33
CA TYR B 384 17.11 1.20 17.74
C TYR B 384 18.43 1.91 17.71
N PRO B 385 18.41 3.22 17.46
CA PRO B 385 19.65 4.00 17.59
C PRO B 385 19.90 4.31 19.07
N ASP B 386 21.09 4.03 19.56
CA ASP B 386 21.36 4.24 20.98
C ASP B 386 21.97 5.60 21.31
N TYR B 387 22.12 6.45 20.31
CA TYR B 387 22.86 7.71 20.45
C TYR B 387 21.99 8.97 20.59
N PHE B 388 20.70 8.79 20.84
CA PHE B 388 19.87 9.91 21.25
C PHE B 388 19.59 9.79 22.76
N PRO B 389 20.47 10.37 23.59
CA PRO B 389 20.48 10.16 25.04
C PRO B 389 19.14 10.44 25.72
N GLU B 390 18.54 11.59 25.40
CA GLU B 390 17.24 11.93 25.96
C GLU B 390 16.20 10.87 25.59
N TRP B 391 16.19 10.45 24.33
CA TRP B 391 15.22 9.43 23.93
C TRP B 391 15.44 8.11 24.64
N LYS B 392 16.69 7.69 24.80
CA LYS B 392 17.02 6.43 25.49
C LYS B 392 16.42 6.46 26.89
N LYS B 393 16.62 7.59 27.55
CA LYS B 393 16.16 7.82 28.93
C LYS B 393 14.65 7.60 29.06
N SER B 394 13.88 8.08 28.09
CA SER B 394 12.44 8.06 28.19
C SER B 394 11.74 6.89 27.46
N GLY B 395 12.52 6.00 26.87
CA GLY B 395 11.95 4.95 26.04
C GLY B 395 11.51 5.42 24.66
N TYR B 396 11.26 4.46 23.78
CA TYR B 396 10.98 4.78 22.38
C TYR B 396 9.54 4.50 21.91
N SER B 397 8.57 4.61 22.81
CA SER B 397 7.19 4.35 22.43
C SER B 397 6.70 5.44 21.47
N GLU B 398 7.34 6.62 21.54
CA GLU B 398 6.92 7.79 20.78
C GLU B 398 7.97 8.18 19.75
N ILE B 399 8.76 7.20 19.33
CA ILE B 399 9.94 7.45 18.49
C ILE B 399 9.59 8.04 17.12
N ILE B 400 8.33 7.86 16.72
CA ILE B 400 7.84 8.46 15.49
C ILE B 400 8.16 9.95 15.47
N PHE B 401 8.06 10.58 16.63
CA PHE B 401 8.37 12.01 16.78
C PHE B 401 9.85 12.33 16.52
N LEU B 402 10.74 11.43 16.94
CA LEU B 402 12.16 11.61 16.67
C LEU B 402 12.37 11.54 15.16
N GLY B 403 11.59 10.68 14.51
CA GLY B 403 11.63 10.61 13.07
C GLY B 403 11.42 12.00 12.51
N ALA B 404 10.45 12.72 13.06
CA ALA B 404 10.08 14.04 12.54
C ALA B 404 11.08 15.10 12.90
N GLN B 405 11.68 15.01 14.08
CA GLN B 405 12.74 15.93 14.40
C GLN B 405 13.90 15.83 13.41
N ILE B 406 14.25 14.61 13.02
CA ILE B 406 15.32 14.37 12.07
C ILE B 406 15.00 14.85 10.65
N VAL B 407 13.83 14.45 10.15
CA VAL B 407 13.41 14.85 8.82
C VAL B 407 13.35 16.37 8.70
N SER B 408 12.69 17.02 9.64
CA SER B 408 12.52 18.47 9.60
C SER B 408 13.87 19.20 9.61
N LYS B 409 14.81 18.76 10.45
CA LYS B 409 16.13 19.38 10.43
C LYS B 409 16.81 19.19 9.07
N GLN B 410 16.87 17.95 8.59
CA GLN B 410 17.35 17.69 7.25
C GLN B 410 16.74 18.65 6.24
N ILE B 411 15.44 18.52 6.07
CA ILE B 411 14.75 19.24 5.01
C ILE B 411 14.86 20.75 5.16
N PHE B 412 14.64 21.27 6.36
CA PHE B 412 14.46 22.71 6.54
C PHE B 412 15.77 23.48 6.71
N THR B 413 16.87 22.76 6.92
CA THR B 413 18.17 23.41 7.04
C THR B 413 19.01 23.13 5.80
N HIS B 414 18.32 22.71 4.74
CA HIS B 414 18.95 22.58 3.42
C HIS B 414 18.08 23.24 2.35
N PRO B 415 18.74 23.91 1.39
CA PRO B 415 18.11 24.69 0.32
C PRO B 415 16.99 23.95 -0.41
N LYS B 416 17.30 22.82 -1.03
CA LYS B 416 16.32 22.05 -1.80
C LYS B 416 14.93 22.06 -1.15
N ASP B 417 13.92 22.42 -1.94
CA ASP B 417 12.54 22.52 -1.46
C ASP B 417 11.71 21.38 -2.04
N THR B 418 12.41 20.30 -2.41
CA THR B 418 11.80 19.16 -3.06
C THR B 418 10.73 18.45 -2.23
N PHE B 419 10.85 18.46 -0.90
CA PHE B 419 9.89 17.65 -0.10
C PHE B 419 8.79 18.37 0.67
N TYR B 420 8.74 19.69 0.58
CA TYR B 420 7.62 20.46 1.14
C TYR B 420 6.96 21.45 0.17
N ILE B 421 5.71 21.77 0.47
CA ILE B 421 4.98 22.79 -0.25
C ILE B 421 5.45 24.17 0.16
N THR B 422 5.76 25.01 -0.82
CA THR B 422 6.10 26.42 -0.58
C THR B 422 4.99 27.33 -1.08
N ARG B 423 5.03 28.59 -0.67
CA ARG B 423 4.05 29.56 -1.17
C ARG B 423 4.04 29.63 -2.68
N GLU B 424 5.23 29.70 -3.25
CA GLU B 424 5.39 29.63 -4.69
C GLU B 424 4.47 28.53 -5.21
N LYS B 425 4.68 27.30 -4.74
CA LYS B 425 3.94 26.15 -5.22
C LYS B 425 2.46 26.27 -4.91
N TYR B 426 2.14 26.80 -3.75
CA TYR B 426 0.75 26.91 -3.35
C TYR B 426 0.02 27.84 -4.30
N ASN B 427 0.66 28.97 -4.57
CA ASN B 427 0.14 29.95 -5.53
C ASN B 427 -0.14 29.35 -6.92
N MSE B 428 0.69 28.40 -7.35
CA MSE B 428 0.48 27.77 -8.66
C MSE B 428 -0.62 26.69 -8.65
O MSE B 428 -1.59 26.79 -9.40
CB MSE B 428 1.79 27.20 -9.22
CG MSE B 428 2.90 28.22 -9.47
SE MSE B 428 2.42 29.60 -10.76
CE MSE B 428 1.52 30.89 -9.60
N LYS B 429 -0.46 25.64 -7.84
CA LYS B 429 -1.37 24.50 -7.90
C LYS B 429 -2.40 24.42 -6.76
N GLY B 430 -2.25 25.24 -5.72
CA GLY B 430 -3.12 25.17 -4.56
C GLY B 430 -2.91 23.92 -3.71
N PRO B 431 -3.96 23.47 -3.01
CA PRO B 431 -3.77 22.22 -2.27
C PRO B 431 -3.20 21.08 -3.12
N ALA B 432 -3.52 21.04 -4.41
CA ALA B 432 -2.98 19.97 -5.25
C ALA B 432 -1.45 19.97 -5.27
N ALA B 433 -0.84 21.10 -4.91
CA ALA B 433 0.61 21.22 -4.80
C ALA B 433 1.16 20.10 -3.96
N LEU B 434 0.34 19.64 -3.02
CA LEU B 434 0.69 18.59 -2.06
C LEU B 434 1.24 17.33 -2.71
N TRP B 435 0.65 16.96 -3.84
CA TRP B 435 0.99 15.71 -4.50
C TRP B 435 2.26 15.78 -5.37
N ASP B 436 2.88 16.94 -5.47
CA ASP B 436 4.14 17.04 -6.18
C ASP B 436 5.32 16.95 -5.25
N VAL B 437 5.08 16.83 -3.96
CA VAL B 437 6.19 16.67 -3.03
C VAL B 437 5.99 15.46 -2.15
N GLN B 438 5.08 14.57 -2.52
CA GLN B 438 4.96 13.36 -1.74
C GLN B 438 6.32 12.70 -1.79
N PHE B 439 6.63 11.85 -0.81
CA PHE B 439 7.93 11.18 -0.82
C PHE B 439 8.05 10.06 -1.88
N LEU C 31 -7.47 18.46 -47.58
CA LEU C 31 -8.92 18.52 -47.31
C LEU C 31 -9.29 17.70 -46.05
N LYS C 32 -10.54 17.24 -45.95
CA LYS C 32 -11.02 16.47 -44.79
C LYS C 32 -10.20 15.22 -44.49
N LEU C 33 -9.35 14.82 -45.44
CA LEU C 33 -8.50 13.65 -45.26
C LEU C 33 -7.15 14.07 -44.70
N GLU C 34 -6.37 14.82 -45.48
CA GLU C 34 -5.07 15.30 -45.03
C GLU C 34 -5.16 15.65 -43.54
N ARG C 35 -6.31 16.21 -43.19
CA ARG C 35 -6.69 16.52 -41.82
C ARG C 35 -6.68 15.25 -40.98
N LYS C 36 -7.83 14.59 -40.93
CA LYS C 36 -7.98 13.34 -40.22
C LYS C 36 -6.69 12.53 -40.02
N LYS C 37 -5.92 12.34 -41.09
CA LYS C 37 -4.66 11.59 -41.02
C LYS C 37 -3.63 12.25 -40.10
N THR C 38 -3.25 13.50 -40.40
CA THR C 38 -2.30 14.21 -39.55
C THR C 38 -2.81 14.29 -38.12
N GLU C 39 -4.12 14.47 -37.99
CA GLU C 39 -4.83 14.44 -36.71
C GLU C 39 -4.52 13.15 -35.97
N ALA C 40 -4.74 12.03 -36.64
CA ALA C 40 -4.52 10.71 -36.06
C ALA C 40 -3.06 10.47 -35.70
N VAL C 41 -2.17 10.85 -36.62
CA VAL C 41 -0.73 10.67 -36.43
C VAL C 41 -0.23 11.43 -35.21
N ALA C 42 -0.81 12.62 -35.01
CA ALA C 42 -0.46 13.50 -33.90
C ALA C 42 -1.05 13.04 -32.56
N ARG C 43 -2.24 12.46 -32.59
CA ARG C 43 -2.78 11.87 -31.37
CA ARG C 43 -2.82 11.83 -31.40
C ARG C 43 -1.85 10.78 -30.85
N LEU C 44 -1.46 9.86 -31.72
CA LEU C 44 -0.51 8.82 -31.34
C LEU C 44 0.83 9.41 -30.91
N LYS C 45 1.32 10.41 -31.64
CA LYS C 45 2.62 10.97 -31.33
C LYS C 45 2.63 11.62 -29.95
N SER C 46 1.50 12.21 -29.59
CA SER C 46 1.41 12.95 -28.35
C SER C 46 1.13 12.05 -27.15
N MSE C 47 0.34 11.00 -27.36
CA MSE C 47 0.14 10.00 -26.32
C MSE C 47 1.46 9.31 -26.00
O MSE C 47 1.81 9.16 -24.83
CB MSE C 47 -0.88 8.96 -26.76
CG MSE C 47 -2.31 9.37 -26.54
SE MSE C 47 -3.49 8.01 -27.26
CE MSE C 47 -5.11 8.40 -26.23
N ASN C 48 2.19 8.90 -27.03
CA ASN C 48 3.50 8.29 -26.82
CA ASN C 48 3.47 8.26 -26.81
C ASN C 48 4.39 9.18 -25.98
N LYS C 49 4.29 10.49 -26.22
CA LYS C 49 5.07 11.49 -25.50
C LYS C 49 4.69 11.53 -24.02
N SER C 50 3.40 11.59 -23.74
CA SER C 50 2.94 11.65 -22.37
C SER C 50 3.36 10.36 -21.65
N ALA C 51 3.17 9.23 -22.31
CA ALA C 51 3.51 7.95 -21.71
C ALA C 51 4.99 7.88 -21.35
N ILE C 52 5.85 8.31 -22.26
CA ILE C 52 7.26 8.31 -21.96
C ILE C 52 7.60 9.29 -20.85
N ASN C 53 6.99 10.47 -20.85
CA ASN C 53 7.25 11.43 -19.79
C ASN C 53 6.81 10.93 -18.42
N GLN C 54 5.65 10.27 -18.35
CA GLN C 54 5.13 9.73 -17.10
C GLN C 54 6.04 8.67 -16.50
N TYR C 55 6.52 7.77 -17.36
CA TYR C 55 7.47 6.72 -16.96
C TYR C 55 8.76 7.27 -16.38
N ASN C 56 9.29 8.33 -17.01
CA ASN C 56 10.50 8.96 -16.53
C ASN C 56 10.26 9.70 -15.22
N ARG C 57 9.02 10.11 -14.97
CA ARG C 57 8.66 10.81 -13.75
C ARG C 57 8.59 9.80 -12.60
N ARG C 58 7.99 8.63 -12.84
CA ARG C 58 8.07 7.55 -11.88
C ARG C 58 9.51 7.35 -11.43
N GLN C 59 10.38 7.07 -12.39
CA GLN C 59 11.76 6.73 -12.09
C GLN C 59 12.42 7.83 -11.29
N ASP C 60 12.17 9.08 -11.66
CA ASP C 60 12.68 10.22 -10.90
C ASP C 60 12.20 10.22 -9.45
N LYS C 61 10.90 10.09 -9.24
CA LYS C 61 10.39 10.12 -7.88
C LYS C 61 11.06 8.99 -7.12
N LYS C 62 11.06 7.79 -7.68
CA LYS C 62 11.69 6.66 -7.04
C LYS C 62 13.15 6.93 -6.68
N ASN C 63 13.85 7.64 -7.54
CA ASN C 63 15.26 7.93 -7.27
C ASN C 63 15.45 8.97 -6.17
N LYS C 64 14.64 10.02 -6.21
CA LYS C 64 14.81 11.10 -5.24
C LYS C 64 14.46 10.60 -3.86
N ARG C 65 13.51 9.68 -3.82
CA ARG C 65 13.12 8.99 -2.60
C ARG C 65 14.27 8.18 -2.06
N LEU C 66 14.73 7.18 -2.84
CA LEU C 66 15.86 6.37 -2.42
C LEU C 66 17.07 7.20 -2.03
N LYS C 67 17.17 8.40 -2.57
CA LYS C 67 18.36 9.20 -2.37
C LYS C 67 18.26 9.90 -1.02
N PHE C 68 17.04 10.26 -0.64
CA PHE C 68 16.76 10.95 0.61
C PHE C 68 16.95 10.00 1.77
N GLY C 69 16.39 8.80 1.63
CA GLY C 69 16.63 7.71 2.54
C GLY C 69 18.11 7.43 2.75
N HIS C 70 18.85 7.28 1.66
CA HIS C 70 20.25 6.88 1.81
C HIS C 70 21.10 7.98 2.45
N ARG C 71 20.65 9.22 2.34
CA ARG C 71 21.32 10.34 3.02
C ARG C 71 21.05 10.35 4.52
N LEU C 72 19.85 9.99 4.93
CA LEU C 72 19.51 10.02 6.34
C LEU C 72 20.35 9.00 7.11
N ILE C 73 20.66 7.89 6.45
CA ILE C 73 21.59 6.93 7.01
C ILE C 73 22.91 7.60 7.38
N ALA C 74 23.42 8.40 6.45
CA ALA C 74 24.64 9.16 6.66
C ALA C 74 24.49 10.21 7.76
N THR C 75 23.34 10.90 7.77
CA THR C 75 23.04 11.83 8.83
C THR C 75 23.07 11.13 10.18
N HIS C 76 22.46 9.94 10.21
CA HIS C 76 22.44 9.16 11.42
C HIS C 76 23.86 8.84 11.88
N THR C 77 24.69 8.39 10.95
CA THR C 77 26.08 8.08 11.26
C THR C 77 26.80 9.27 11.89
N ASN C 78 26.53 10.48 11.39
CA ASN C 78 27.17 11.66 11.95
C ASN C 78 26.62 12.04 13.31
N LEU C 79 25.30 11.88 13.50
CA LEU C 79 24.70 12.10 14.79
C LEU C 79 25.32 11.14 15.80
N GLU C 80 25.53 9.90 15.37
CA GLU C 80 26.13 8.87 16.21
C GLU C 80 27.58 9.18 16.55
N ARG C 81 28.36 9.63 15.57
CA ARG C 81 29.75 10.00 15.84
C ARG C 81 29.85 11.16 16.82
N ASP C 82 28.95 12.13 16.67
CA ASP C 82 28.96 13.33 17.49
C ASP C 82 28.64 12.97 18.92
N GLU C 83 27.60 12.16 19.10
CA GLU C 83 27.23 11.70 20.42
C GLU C 83 28.39 11.00 21.08
N GLN C 84 28.99 10.05 20.35
CA GLN C 84 30.14 9.32 20.88
C GLN C 84 31.26 10.22 21.37
N LYS C 85 31.52 11.32 20.66
CA LYS C 85 32.55 12.27 21.07
C LYS C 85 32.16 13.00 22.34
N ARG C 86 30.86 13.30 22.42
CA ARG C 86 30.30 14.08 23.51
C ARG C 86 30.37 13.26 24.80
N ALA C 87 29.92 12.02 24.68
CA ALA C 87 29.87 11.09 25.79
C ALA C 87 31.26 10.76 26.28
N GLU C 88 32.18 10.72 25.34
CA GLU C 88 33.54 10.36 25.64
C GLU C 88 34.22 11.46 26.45
N LYS C 89 33.93 12.72 26.10
CA LYS C 89 34.50 13.87 26.79
C LYS C 89 33.92 13.95 28.20
N LYS C 90 32.63 13.61 28.31
CA LYS C 90 31.93 13.56 29.58
C LYS C 90 32.50 12.51 30.53
N ALA C 91 32.60 11.26 30.06
CA ALA C 91 33.16 10.17 30.86
C ALA C 91 34.62 10.40 31.21
N LYS C 92 35.38 10.94 30.28
CA LYS C 92 36.78 11.17 30.56
C LYS C 92 36.99 12.10 31.78
N GLU C 93 36.20 13.18 31.91
CA GLU C 93 36.33 14.10 33.04
C GLU C 93 35.77 13.46 34.29
N ARG C 94 34.65 12.77 34.10
CA ARG C 94 33.94 12.15 35.20
C ARG C 94 34.82 11.11 35.93
N LEU C 95 35.49 10.25 35.17
CA LEU C 95 36.32 9.19 35.73
C LEU C 95 37.62 9.64 36.41
N GLN C 96 38.08 10.86 36.17
CA GLN C 96 39.33 11.26 36.82
C GLN C 96 39.18 12.41 37.82
N ALA C 97 37.93 12.76 38.10
CA ALA C 97 37.63 13.84 39.03
C ALA C 97 36.51 13.42 39.96
N LEU C 98 36.59 13.88 41.20
CA LEU C 98 35.45 13.94 42.11
C LEU C 98 34.86 15.34 41.91
N LYS C 99 33.58 15.57 42.21
CA LYS C 99 32.69 14.60 42.83
C LYS C 99 32.07 13.68 41.78
N MSE D 1 -2.72 39.10 22.87
CA MSE D 1 -3.20 39.91 21.75
C MSE D 1 -4.25 39.14 20.95
O MSE D 1 -4.42 37.93 21.14
CB MSE D 1 -2.01 40.33 20.87
CG MSE D 1 -2.37 41.00 19.55
SE MSE D 1 -1.19 40.48 18.07
CE MSE D 1 0.54 41.09 18.76
N ASP D 2 -4.97 39.85 20.07
CA ASP D 2 -5.96 39.21 19.20
C ASP D 2 -5.35 38.08 18.35
N PRO D 3 -5.81 36.84 18.57
CA PRO D 3 -5.24 35.70 17.82
C PRO D 3 -5.15 36.00 16.33
N GLN D 4 -6.21 36.52 15.74
CA GLN D 4 -6.21 36.77 14.31
C GLN D 4 -5.07 37.70 13.89
N THR D 5 -4.73 38.66 14.74
CA THR D 5 -3.68 39.61 14.40
C THR D 5 -2.30 38.99 14.60
N LEU D 6 -2.20 38.06 15.54
CA LEU D 6 -0.97 37.28 15.75
C LEU D 6 -0.63 36.46 14.51
N ILE D 7 -1.61 35.73 14.00
CA ILE D 7 -1.53 35.05 12.71
C ILE D 7 -1.12 36.00 11.61
N THR D 8 -1.70 37.20 11.60
CA THR D 8 -1.41 38.20 10.58
C THR D 8 0.02 38.78 10.66
N LYS D 9 0.56 38.95 11.86
CA LYS D 9 1.88 39.55 12.01
C LYS D 9 3.06 38.56 11.85
N ALA D 10 2.79 37.27 12.02
CA ALA D 10 3.84 36.28 11.86
C ALA D 10 4.03 35.92 10.38
N ASN D 11 5.14 35.27 10.08
CA ASN D 11 5.41 34.74 8.74
C ASN D 11 5.33 35.75 7.60
N LYS D 12 6.03 36.88 7.70
CA LYS D 12 6.04 37.86 6.62
C LYS D 12 7.38 38.58 6.49
N LYS D 22 -0.56 36.57 -3.16
CA LYS D 22 -1.00 35.62 -2.13
C LYS D 22 -2.44 35.12 -2.34
N GLU D 23 -2.57 34.06 -3.13
CA GLU D 23 -3.87 33.62 -3.59
C GLU D 23 -4.67 32.71 -2.66
N SER D 24 -5.87 32.41 -3.12
CA SER D 24 -6.79 31.53 -2.41
C SER D 24 -7.50 30.61 -3.40
N TRP D 25 -7.77 29.39 -2.94
CA TRP D 25 -8.34 28.37 -3.78
C TRP D 25 -9.66 27.91 -3.21
N ARG D 26 -10.55 27.44 -4.07
CA ARG D 26 -11.80 26.86 -3.61
C ARG D 26 -11.95 25.50 -4.25
N TYR D 27 -12.77 24.66 -3.65
CA TYR D 27 -12.99 23.33 -4.21
C TYR D 27 -14.39 23.29 -4.77
N ASP D 28 -14.49 23.40 -6.09
CA ASP D 28 -15.78 23.66 -6.71
C ASP D 28 -15.91 23.01 -8.08
N TRP D 29 -17.12 23.06 -8.63
CA TRP D 29 -17.40 22.54 -9.97
C TRP D 29 -16.66 23.29 -11.06
N TYR D 30 -16.12 22.54 -12.01
CA TYR D 30 -15.42 23.08 -13.14
C TYR D 30 -15.86 22.36 -14.41
N GLN D 31 -15.96 23.08 -15.52
CA GLN D 31 -16.47 22.53 -16.76
C GLN D 31 -15.49 22.83 -17.89
N PRO D 32 -14.67 21.84 -18.25
CA PRO D 32 -13.59 22.05 -19.21
C PRO D 32 -14.13 22.40 -20.60
N SER D 33 -13.26 22.87 -21.48
CA SER D 33 -13.67 23.16 -22.85
C SER D 33 -12.65 22.65 -23.87
N LYS D 34 -13.02 22.65 -25.14
CA LYS D 34 -12.20 22.01 -26.18
C LYS D 34 -11.05 22.87 -26.70
N GLU D 54 -17.98 24.63 -27.45
CA GLU D 54 -16.83 25.10 -26.69
C GLU D 54 -16.61 24.29 -25.41
N LYS D 55 -17.61 24.29 -24.53
CA LYS D 55 -17.51 23.60 -23.24
C LYS D 55 -17.96 22.14 -23.35
N TYR D 56 -17.18 21.23 -22.75
CA TYR D 56 -17.61 19.83 -22.65
C TYR D 56 -18.90 19.79 -21.82
N PRO D 57 -19.75 18.77 -22.05
CA PRO D 57 -21.05 18.64 -21.37
C PRO D 57 -20.97 18.32 -19.87
N PHE D 58 -19.79 17.98 -19.36
CA PHE D 58 -19.71 17.47 -18.01
C PHE D 58 -19.06 18.42 -17.01
N ARG D 59 -19.22 18.10 -15.73
CA ARG D 59 -18.63 18.84 -14.63
C ARG D 59 -17.72 17.92 -13.83
N TYR D 60 -16.95 18.52 -12.92
CA TYR D 60 -16.25 17.75 -11.92
C TYR D 60 -15.63 18.70 -10.91
N LYS D 61 -15.46 18.24 -9.68
CA LYS D 61 -14.91 19.11 -8.67
C LYS D 61 -13.40 19.18 -8.84
N THR D 62 -12.84 20.35 -8.60
CA THR D 62 -11.39 20.46 -8.55
C THR D 62 -11.05 21.70 -7.73
N TRP D 63 -9.76 21.89 -7.47
CA TRP D 63 -9.29 23.09 -6.82
C TRP D 63 -9.01 24.23 -7.81
N LEU D 64 -9.96 25.14 -7.92
CA LEU D 64 -9.84 26.34 -8.74
C LEU D 64 -9.29 27.55 -7.95
N ARG D 65 -8.40 28.32 -8.58
CA ARG D 65 -7.94 29.56 -8.00
C ARG D 65 -9.03 30.64 -8.08
N ASN D 66 -9.17 31.45 -7.02
CA ASN D 66 -10.20 32.50 -7.00
C ASN D 66 -9.76 33.77 -7.72
N GLN D 67 -10.73 34.47 -8.30
CA GLN D 67 -10.49 35.77 -8.91
C GLN D 67 -10.25 36.84 -7.86
N GLU D 68 -9.90 38.04 -8.32
CA GLU D 68 -9.71 39.17 -7.43
C GLU D 68 -10.81 39.24 -6.37
N ASP D 69 -12.06 39.13 -6.84
CA ASP D 69 -13.21 39.16 -5.95
C ASP D 69 -13.83 37.76 -5.75
N GLU D 70 -13.18 36.92 -4.95
CA GLU D 70 -13.75 35.62 -4.61
C GLU D 70 -13.16 35.07 -3.31
N GLU D 79 -10.35 33.34 18.30
CA GLU D 79 -11.38 32.90 19.25
C GLU D 79 -10.88 32.86 20.69
N ASP D 80 -9.66 32.35 20.86
CA ASP D 80 -9.17 31.97 22.19
C ASP D 80 -7.66 31.76 22.20
N ILE D 81 -7.15 31.32 23.35
CA ILE D 81 -5.74 30.97 23.52
C ILE D 81 -5.64 30.02 24.69
N LEU D 82 -4.82 28.99 24.58
CA LEU D 82 -4.60 28.14 25.74
C LEU D 82 -3.23 28.42 26.34
N ASP D 83 -3.09 28.15 27.64
CA ASP D 83 -1.80 28.36 28.29
C ASP D 83 -0.99 27.06 28.30
N LEU D 84 0.11 27.05 27.57
CA LEU D 84 1.08 25.97 27.64
C LEU D 84 1.48 25.95 29.11
N LYS D 85 2.44 25.11 29.51
CA LYS D 85 2.75 24.97 30.95
C LYS D 85 1.77 24.06 31.69
N GLU D 86 0.48 24.18 31.41
CA GLU D 86 -0.48 23.19 31.88
C GLU D 86 -0.19 21.91 31.14
N PHE D 87 0.22 22.08 29.89
CA PHE D 87 0.42 20.97 28.98
C PHE D 87 1.88 20.57 28.87
N ASP D 88 2.76 21.45 29.36
CA ASP D 88 4.17 21.11 29.58
C ASP D 88 4.28 20.04 30.66
N ARG D 89 5.14 19.04 30.44
CA ARG D 89 5.19 17.88 31.32
C ARG D 89 6.20 18.03 32.46
N ARG D 90 5.79 17.58 33.65
CA ARG D 90 6.44 17.92 34.92
C ARG D 90 6.03 17.00 36.06
P PO4 E . -3.93 -17.12 -6.35
O1 PO4 E . -3.42 -18.37 -5.67
O2 PO4 E . -2.95 -16.71 -7.43
O3 PO4 E . -5.28 -17.45 -6.95
O4 PO4 E . -4.06 -16.00 -5.34
P PO4 F . -12.49 -1.74 6.15
O1 PO4 F . -11.49 -2.22 5.11
O2 PO4 F . -12.54 -0.22 6.13
O3 PO4 F . -13.88 -2.26 5.85
O4 PO4 F . -12.03 -2.18 7.52
P PO4 G . -2.98 -14.81 -10.63
O1 PO4 G . -3.24 -16.28 -10.82
O2 PO4 G . -2.79 -14.16 -11.97
O3 PO4 G . -4.16 -14.13 -9.96
O4 PO4 G . -1.76 -14.63 -9.76
P PO4 H . 7.86 1.75 -9.68
O1 PO4 H . 9.08 0.94 -10.05
O2 PO4 H . 7.23 2.21 -10.99
O3 PO4 H . 6.88 0.95 -8.86
O4 PO4 H . 8.28 2.92 -8.83
P PO4 I . -5.89 -8.66 -14.52
O1 PO4 I . -5.22 -10.01 -14.52
O2 PO4 I . -4.98 -7.65 -15.19
O3 PO4 I . -7.17 -8.74 -15.30
O4 PO4 I . -6.18 -8.25 -13.09
P PO4 J . -7.94 -11.30 -16.87
O1 PO4 J . -7.29 -12.67 -16.98
O2 PO4 J . -6.97 -10.26 -17.39
O3 PO4 J . -9.20 -11.25 -17.70
O4 PO4 J . -8.27 -11.04 -15.43
P PO4 K . -6.48 5.14 19.45
O1 PO4 K . -5.13 5.43 20.08
O2 PO4 K . -6.54 5.90 18.15
O3 PO4 K . -6.72 3.68 19.17
O4 PO4 K . -7.57 5.61 20.38
P PO4 L . 2.30 7.31 24.45
O1 PO4 L . 2.77 6.87 23.08
O2 PO4 L . 1.96 8.78 24.44
O3 PO4 L . 1.07 6.54 24.85
O4 PO4 L . 3.41 7.06 25.45
P PO4 M . 11.62 -4.04 26.66
O1 PO4 M . 12.79 -4.92 26.99
O2 PO4 M . 12.08 -2.86 25.83
O3 PO4 M . 10.59 -4.85 25.91
O4 PO4 M . 11.02 -3.52 27.95
P PO4 N . 0.13 5.99 19.54
O1 PO4 N . 0.41 4.87 18.58
O2 PO4 N . 1.33 6.93 19.56
O3 PO4 N . -1.10 6.76 19.09
O4 PO4 N . -0.09 5.43 20.92
P PO4 O . -10.63 3.16 43.12
O1 PO4 O . -9.92 1.83 43.33
O2 PO4 O . -9.64 4.17 42.58
O3 PO4 O . -11.76 3.01 42.12
O4 PO4 O . -11.19 3.63 44.44
P PO4 P . 1.75 -17.04 7.45
O1 PO4 P . 2.56 -18.07 6.70
O2 PO4 P . 2.42 -15.68 7.37
O3 PO4 P . 0.36 -16.93 6.86
O4 PO4 P . 1.67 -17.48 8.89
#